data_3RB4
#
_entry.id   3RB4
#
_cell.length_a   53.267
_cell.length_b   109.995
_cell.length_c   101.535
_cell.angle_alpha   90.00
_cell.angle_beta   101.35
_cell.angle_gamma   90.00
#
_symmetry.space_group_name_H-M   'P 1 21 1'
#
loop_
_entity.id
_entity.type
_entity.pdbx_description
1 polymer 'DNA polymerase IV'
2 polymer "DNA (5'-D(*GP*TP*TP*GP*GP*AP*TP*GP*GP*TP*AP*GP*(DDG))-3')"
3 polymer "DNA (5'-D(*C*CP*TP*AP*AP*CP*(ME6)P*CP*TP*AP*CP*CP*AP*TP*CP*CP*AP*AP*CP*C)-3')"
4 non-polymer "2'-DEOXYGUANOSINE-5'-TRIPHOSPHATE"
5 non-polymer 'CALCIUM ION'
6 water water
#
loop_
_entity_poly.entity_id
_entity_poly.type
_entity_poly.pdbx_seq_one_letter_code
_entity_poly.pdbx_strand_id
1 'polypeptide(L)'
;GIVLFVDFDYFYAQVEEVLNPSLKGKPVVVCVFSGRFEDSGAVATANYEARKFGVKAGIPIVEAKKILPNAVYLPMRKEV
YQQVSSRIMNLLREYSEKIEIASIDEAYLDISDKVRDYREAYNLGLEIKNKILEKEKITVTVGISKNKVFAKIAADMAKP
NGIKVIDDEEVKRLIRELDIADVPGIGNITAEKLKKLGINKLVDTLSIEFDKLKGMIGEAKAKYLISLARDEYNEPIRTR
VRKSIGRIVTMKRNSRNLEEIKPYLFRAIEESYYKLDKRIPKAIHVVAVTEDLDIVSRGRTFPHGISKETAYSESVKLLQ
KILEEDERKIRRIGVRFSKFI
;
A,B
2 'polydeoxyribonucleotide' (DG)(DT)(DT)(DG)(DG)(DA)(DT)(DG)(DG)(DT)(DA)(DG)(DDG) D,H
3 'polydeoxyribonucleotide'
;(DC)(DC)(DT)(DA)(DA)(DC)(ME6)(DC)(DT)(DA)(DC)(DC)(DA)(DT)(DC)(DC)(DA)(DA)(DC)
(DC)
;
E,J
#
# COMPACT_ATOMS: atom_id res chain seq x y z
N GLY A 1 0.24 8.49 -13.33
CA GLY A 1 -0.86 8.45 -14.32
C GLY A 1 -2.21 8.62 -13.65
N ILE A 2 -2.79 9.81 -13.78
CA ILE A 2 -4.08 10.12 -13.20
C ILE A 2 -5.08 10.52 -14.25
N VAL A 3 -6.24 9.85 -14.24
CA VAL A 3 -7.29 10.09 -15.19
C VAL A 3 -8.47 10.67 -14.45
N LEU A 4 -9.03 11.75 -14.99
CA LEU A 4 -10.24 12.32 -14.43
C LEU A 4 -11.39 12.16 -15.42
N PHE A 5 -12.53 11.66 -14.95
CA PHE A 5 -13.67 11.40 -15.84
C PHE A 5 -14.91 12.20 -15.41
N VAL A 6 -15.62 12.74 -16.39
CA VAL A 6 -16.74 13.62 -16.15
C VAL A 6 -17.94 13.01 -16.84
N ASP A 7 -19.08 12.94 -16.17
CA ASP A 7 -20.32 12.36 -16.73
C ASP A 7 -21.47 13.29 -16.32
N PHE A 8 -22.15 13.91 -17.27
CA PHE A 8 -23.20 14.90 -16.93
C PHE A 8 -24.45 14.26 -16.27
N ASP A 9 -25.04 14.93 -15.28
CA ASP A 9 -26.19 14.39 -14.57
C ASP A 9 -27.49 14.42 -15.39
N TYR A 10 -28.22 13.31 -15.41
CA TYR A 10 -29.48 13.19 -16.15
C TYR A 10 -29.59 14.18 -17.30
N PHE A 11 -28.64 14.09 -18.22
CA PHE A 11 -28.31 15.17 -19.12
C PHE A 11 -29.50 15.80 -19.85
N TYR A 12 -30.13 15.04 -20.75
CA TYR A 12 -31.22 15.58 -21.56
C TYR A 12 -32.24 16.31 -20.68
N ALA A 13 -32.68 15.69 -19.59
CA ALA A 13 -33.61 16.36 -18.70
C ALA A 13 -32.99 17.58 -18.03
N GLN A 14 -31.73 17.49 -17.60
CA GLN A 14 -31.14 18.66 -16.95
C GLN A 14 -31.16 19.85 -17.88
N VAL A 15 -30.78 19.64 -19.15
CA VAL A 15 -30.76 20.71 -20.14
C VAL A 15 -32.13 21.37 -20.29
N GLU A 16 -33.20 20.57 -20.31
CA GLU A 16 -34.54 21.14 -20.29
C GLU A 16 -34.85 21.95 -19.03
N GLU A 17 -34.42 21.48 -17.87
CA GLU A 17 -34.59 22.25 -16.61
C GLU A 17 -33.87 23.60 -16.67
N VAL A 18 -32.66 23.62 -17.21
CA VAL A 18 -31.93 24.86 -17.35
C VAL A 18 -32.66 25.76 -18.34
N LEU A 19 -33.17 25.17 -19.42
CA LEU A 19 -33.79 25.94 -20.46
C LEU A 19 -35.19 26.42 -20.06
N ASN A 20 -35.66 25.98 -18.89
CA ASN A 20 -37.03 26.21 -18.44
C ASN A 20 -37.12 25.98 -16.94
N PRO A 21 -36.54 26.90 -16.15
CA PRO A 21 -36.38 26.73 -14.69
C PRO A 21 -37.64 26.43 -13.87
N SER A 22 -38.82 26.53 -14.48
CA SER A 22 -40.06 26.20 -13.79
C SER A 22 -40.24 24.68 -13.59
N LEU A 23 -39.60 23.90 -14.45
CA LEU A 23 -39.63 22.44 -14.37
C LEU A 23 -38.84 21.92 -13.18
N LYS A 24 -37.80 22.64 -12.79
CA LYS A 24 -36.87 22.17 -11.76
C LYS A 24 -37.52 21.92 -10.39
N GLY A 25 -37.24 20.73 -9.83
CA GLY A 25 -37.83 20.29 -8.56
C GLY A 25 -39.03 19.36 -8.70
N LYS A 26 -39.54 19.23 -9.93
CA LYS A 26 -40.67 18.36 -10.20
C LYS A 26 -40.30 17.34 -11.31
N PRO A 27 -41.10 16.27 -11.46
CA PRO A 27 -40.75 15.17 -12.41
C PRO A 27 -40.66 15.58 -13.87
N VAL A 28 -39.58 15.20 -14.56
CA VAL A 28 -39.43 15.49 -15.98
C VAL A 28 -38.92 14.28 -16.74
N VAL A 29 -39.59 13.96 -17.86
CA VAL A 29 -39.31 12.78 -18.65
C VAL A 29 -39.12 13.17 -20.10
N VAL A 30 -37.96 12.84 -20.66
CA VAL A 30 -37.63 13.20 -22.03
C VAL A 30 -37.83 12.02 -22.96
N CYS A 31 -38.71 12.18 -23.94
CA CYS A 31 -39.19 11.05 -24.72
C CYS A 31 -38.82 11.06 -26.22
N VAL A 32 -38.71 9.88 -26.78
CA VAL A 32 -38.59 9.71 -28.20
C VAL A 32 -39.91 9.17 -28.74
N PHE A 33 -40.80 10.06 -29.18
CA PHE A 33 -42.06 9.66 -29.80
C PHE A 33 -41.87 9.03 -31.18
N SER A 34 -42.45 7.85 -31.42
CA SER A 34 -42.18 7.08 -32.65
C SER A 34 -43.20 7.23 -33.77
N GLY A 35 -44.38 7.75 -33.48
CA GLY A 35 -45.33 8.01 -34.55
C GLY A 35 -46.33 6.91 -34.84
N ARG A 36 -46.05 5.68 -34.36
CA ARG A 36 -46.96 4.54 -34.61
C ARG A 36 -48.35 4.75 -34.02
N PHE A 37 -48.42 5.27 -32.80
CA PHE A 37 -49.72 5.56 -32.18
C PHE A 37 -49.56 6.58 -31.06
N GLU A 38 -50.69 7.02 -30.52
CA GLU A 38 -50.72 7.97 -29.41
C GLU A 38 -49.75 7.58 -28.29
N ASP A 39 -48.68 8.35 -28.13
CA ASP A 39 -47.76 8.15 -27.03
C ASP A 39 -46.85 6.94 -27.24
N SER A 40 -46.68 6.50 -28.49
CA SER A 40 -45.78 5.39 -28.77
C SER A 40 -44.35 5.89 -28.82
N GLY A 41 -43.40 4.99 -28.56
CA GLY A 41 -41.99 5.36 -28.42
C GLY A 41 -41.44 5.08 -27.03
N ALA A 42 -40.24 5.56 -26.74
CA ALA A 42 -39.58 5.22 -25.47
C ALA A 42 -38.96 6.40 -24.72
N VAL A 43 -38.55 6.18 -23.46
CA VAL A 43 -37.92 7.20 -22.63
C VAL A 43 -36.42 7.22 -22.93
N ALA A 44 -35.92 8.42 -23.20
CA ALA A 44 -34.51 8.64 -23.42
C ALA A 44 -33.83 8.85 -22.06
N THR A 45 -34.46 9.66 -21.20
CA THR A 45 -34.03 9.80 -19.82
C THR A 45 -35.03 10.55 -18.95
N ALA A 46 -34.87 10.45 -17.65
CA ALA A 46 -35.75 11.13 -16.70
C ALA A 46 -34.93 11.71 -15.58
N ASN A 47 -35.43 12.77 -14.95
CA ASN A 47 -34.71 13.33 -13.81
C ASN A 47 -34.88 12.46 -12.57
N TYR A 48 -34.12 12.73 -11.54
CA TYR A 48 -34.21 11.88 -10.37
C TYR A 48 -35.61 11.90 -9.68
N GLU A 49 -36.29 13.03 -9.72
CA GLU A 49 -37.64 13.13 -9.23
C GLU A 49 -38.49 12.03 -9.84
N ALA A 50 -38.30 11.81 -11.15
CA ALA A 50 -39.08 10.81 -11.87
C ALA A 50 -38.57 9.40 -11.67
N ARG A 51 -37.26 9.25 -11.55
CA ARG A 51 -36.66 7.92 -11.31
C ARG A 51 -37.14 7.30 -9.99
N LYS A 52 -37.67 8.13 -9.11
CA LYS A 52 -38.13 7.69 -7.82
C LYS A 52 -39.36 6.81 -8.00
N PHE A 53 -39.98 6.88 -9.17
CA PHE A 53 -41.23 6.20 -9.41
C PHE A 53 -41.08 5.17 -10.51
N GLY A 54 -39.85 4.87 -10.88
CA GLY A 54 -39.59 3.78 -11.79
C GLY A 54 -39.40 4.19 -13.24
N VAL A 55 -39.36 5.49 -13.50
CA VAL A 55 -39.19 5.99 -14.86
C VAL A 55 -37.71 6.18 -15.30
N LYS A 56 -37.22 5.31 -16.16
CA LYS A 56 -35.84 5.44 -16.58
C LYS A 56 -35.67 5.21 -18.07
N ALA A 57 -34.47 5.51 -18.56
CA ALA A 57 -34.16 5.33 -19.96
C ALA A 57 -34.59 3.95 -20.39
N GLY A 58 -35.29 3.85 -21.52
CA GLY A 58 -35.68 2.55 -22.07
C GLY A 58 -37.13 2.15 -21.90
N ILE A 59 -37.77 2.56 -20.81
CA ILE A 59 -39.16 2.08 -20.66
C ILE A 59 -40.07 2.76 -21.69
N PRO A 60 -41.14 2.07 -22.09
CA PRO A 60 -42.10 2.67 -23.01
C PRO A 60 -42.81 3.89 -22.40
N ILE A 61 -43.12 4.86 -23.24
CA ILE A 61 -43.77 6.07 -22.75
C ILE A 61 -45.10 5.74 -22.06
N VAL A 62 -45.87 4.83 -22.63
CA VAL A 62 -47.14 4.47 -22.00
C VAL A 62 -46.93 3.81 -20.62
N GLU A 63 -45.82 3.09 -20.43
CA GLU A 63 -45.47 2.58 -19.11
C GLU A 63 -45.16 3.74 -18.20
N ALA A 64 -44.35 4.69 -18.68
CA ALA A 64 -44.03 5.86 -17.88
C ALA A 64 -45.32 6.55 -17.45
N LYS A 65 -46.23 6.76 -18.40
CA LYS A 65 -47.45 7.48 -18.06
C LYS A 65 -48.36 6.66 -17.14
N LYS A 66 -48.20 5.34 -17.11
CA LYS A 66 -48.97 4.50 -16.21
C LYS A 66 -48.58 4.81 -14.77
N ILE A 67 -47.28 4.81 -14.53
CA ILE A 67 -46.80 4.92 -13.17
C ILE A 67 -46.59 6.36 -12.73
N LEU A 68 -46.45 7.27 -13.69
CA LEU A 68 -46.38 8.72 -13.40
C LEU A 68 -47.21 9.57 -14.36
N PRO A 69 -48.54 9.50 -14.26
CA PRO A 69 -49.38 10.30 -15.17
C PRO A 69 -49.05 11.80 -15.22
N ASN A 70 -48.81 12.42 -14.07
CA ASN A 70 -48.77 13.88 -13.98
C ASN A 70 -47.43 14.57 -14.31
N ALA A 71 -46.36 13.80 -14.45
CA ALA A 71 -45.05 14.35 -14.77
C ALA A 71 -45.06 15.15 -16.06
N VAL A 72 -43.97 15.85 -16.34
CA VAL A 72 -43.84 16.59 -17.60
C VAL A 72 -43.09 15.77 -18.65
N TYR A 73 -43.74 15.57 -19.77
CA TYR A 73 -43.25 14.76 -20.87
C TYR A 73 -42.83 15.70 -21.98
N LEU A 74 -41.57 15.61 -22.38
CA LEU A 74 -41.03 16.53 -23.37
C LEU A 74 -40.42 15.78 -24.52
N PRO A 75 -40.66 16.24 -25.73
CA PRO A 75 -40.04 15.56 -26.87
C PRO A 75 -38.55 15.74 -26.79
N MET A 76 -37.81 14.76 -27.27
CA MET A 76 -36.37 14.87 -27.31
C MET A 76 -35.92 15.86 -28.38
N ARG A 77 -35.02 16.77 -28.03
CA ARG A 77 -34.36 17.65 -29.01
C ARG A 77 -32.85 17.41 -29.05
N LYS A 78 -32.41 16.52 -29.94
CA LYS A 78 -31.00 16.13 -30.04
C LYS A 78 -30.05 17.29 -30.32
N GLU A 79 -30.38 18.12 -31.30
CA GLU A 79 -29.55 19.28 -31.64
C GLU A 79 -29.26 20.16 -30.41
N VAL A 80 -30.28 20.38 -29.57
CA VAL A 80 -30.09 21.21 -28.40
C VAL A 80 -29.08 20.62 -27.39
N TYR A 81 -29.14 19.32 -27.14
CA TYR A 81 -28.29 18.73 -26.13
C TYR A 81 -26.84 18.62 -26.66
N GLN A 82 -26.71 18.55 -27.98
CA GLN A 82 -25.41 18.43 -28.60
C GLN A 82 -24.62 19.77 -28.64
N GLN A 83 -25.34 20.88 -28.79
CA GLN A 83 -24.71 22.19 -28.66
C GLN A 83 -24.31 22.49 -27.22
N VAL A 84 -25.15 22.13 -26.27
CA VAL A 84 -24.75 22.24 -24.87
C VAL A 84 -23.57 21.32 -24.57
N SER A 85 -23.62 20.09 -25.09
CA SER A 85 -22.50 19.20 -24.94
C SER A 85 -21.20 19.79 -25.52
N SER A 86 -21.26 20.39 -26.71
CA SER A 86 -20.05 20.84 -27.36
C SER A 86 -19.50 22.02 -26.64
N ARG A 87 -20.38 22.87 -26.15
CA ARG A 87 -19.91 23.95 -25.33
C ARG A 87 -19.23 23.36 -24.11
N ILE A 88 -19.84 22.37 -23.46
CA ILE A 88 -19.19 21.78 -22.27
C ILE A 88 -17.88 21.10 -22.59
N MET A 89 -17.83 20.33 -23.67
CA MET A 89 -16.58 19.67 -24.05
C MET A 89 -15.45 20.68 -24.26
N ASN A 90 -15.78 21.87 -24.73
CA ASN A 90 -14.76 22.90 -24.90
C ASN A 90 -14.26 23.50 -23.60
N LEU A 91 -15.13 23.67 -22.62
CA LEU A 91 -14.70 24.07 -21.31
C LEU A 91 -13.67 23.09 -20.77
N LEU A 92 -13.97 21.80 -20.93
CA LEU A 92 -13.07 20.76 -20.45
C LEU A 92 -11.72 20.80 -21.17
N ARG A 93 -11.72 21.25 -22.43
CA ARG A 93 -10.49 21.36 -23.22
C ARG A 93 -9.50 22.34 -22.61
N GLU A 94 -10.00 23.31 -21.85
CA GLU A 94 -9.17 24.30 -21.19
C GLU A 94 -8.53 23.74 -19.91
N TYR A 95 -8.70 22.45 -19.67
CA TYR A 95 -8.13 21.82 -18.49
C TYR A 95 -7.30 20.64 -18.90
N SER A 96 -7.40 20.20 -20.14
CA SER A 96 -6.45 19.22 -20.65
C SER A 96 -6.72 18.92 -22.12
N GLU A 97 -5.72 19.19 -22.96
CA GLU A 97 -5.86 18.95 -24.38
C GLU A 97 -5.97 17.46 -24.62
N LYS A 98 -5.53 16.68 -23.63
CA LYS A 98 -5.46 15.23 -23.73
C LYS A 98 -6.80 14.63 -23.30
N ILE A 99 -7.82 14.82 -24.13
CA ILE A 99 -9.21 14.53 -23.78
C ILE A 99 -9.83 13.45 -24.67
N GLU A 100 -10.51 12.49 -24.06
CA GLU A 100 -11.21 11.50 -24.85
C GLU A 100 -12.73 11.66 -24.67
N ILE A 101 -13.41 12.08 -25.73
CA ILE A 101 -14.86 12.23 -25.67
C ILE A 101 -15.52 10.87 -25.93
N ALA A 102 -16.30 10.40 -24.97
CA ALA A 102 -16.73 9.02 -24.94
C ALA A 102 -18.17 8.86 -25.36
N SER A 103 -18.96 9.91 -25.19
CA SER A 103 -20.34 9.90 -25.64
C SER A 103 -20.80 11.33 -25.54
N ILE A 104 -22.10 11.55 -25.66
CA ILE A 104 -22.61 12.92 -25.71
C ILE A 104 -22.58 13.58 -24.34
N ASP A 105 -22.23 12.80 -23.30
CA ASP A 105 -22.30 13.31 -21.93
C ASP A 105 -21.13 12.93 -21.00
N GLU A 106 -20.06 12.42 -21.59
CA GLU A 106 -18.92 12.03 -20.79
C GLU A 106 -17.61 12.12 -21.54
N ALA A 107 -16.53 12.33 -20.80
CA ALA A 107 -15.22 12.56 -21.37
C ALA A 107 -14.15 12.13 -20.37
N TYR A 108 -13.02 11.63 -20.87
CA TYR A 108 -11.87 11.33 -20.03
C TYR A 108 -10.72 12.35 -20.23
N LEU A 109 -10.29 13.00 -19.14
CA LEU A 109 -9.13 13.86 -19.21
C LEU A 109 -7.97 13.16 -18.56
N ASP A 110 -6.84 13.10 -19.26
CA ASP A 110 -5.61 12.63 -18.62
C ASP A 110 -4.95 13.83 -17.97
N ILE A 111 -4.96 13.89 -16.64
CA ILE A 111 -4.45 15.09 -15.99
C ILE A 111 -3.09 14.96 -15.28
N SER A 112 -2.26 14.02 -15.70
CA SER A 112 -1.00 13.76 -15.03
C SER A 112 -0.09 15.01 -15.02
N ASP A 113 0.10 15.62 -16.18
CA ASP A 113 0.90 16.83 -16.31
C ASP A 113 0.22 18.11 -15.79
N LYS A 114 -0.80 17.98 -14.97
CA LYS A 114 -1.50 19.16 -14.48
C LYS A 114 -1.58 19.13 -12.97
N VAL A 115 -1.34 17.95 -12.40
CA VAL A 115 -1.47 17.74 -10.97
C VAL A 115 -0.41 16.77 -10.50
N ARG A 116 0.08 16.97 -9.28
CA ARG A 116 1.11 16.11 -8.71
C ARG A 116 0.56 14.88 -7.99
N ASP A 117 -0.72 14.93 -7.59
CA ASP A 117 -1.27 13.84 -6.79
C ASP A 117 -2.79 13.87 -6.77
N TYR A 118 -3.36 12.87 -6.09
CA TYR A 118 -4.81 12.76 -6.01
C TYR A 118 -5.48 13.98 -5.37
N ARG A 119 -4.81 14.61 -4.42
CA ARG A 119 -5.41 15.71 -3.69
C ARG A 119 -5.60 16.89 -4.63
N GLU A 120 -4.62 17.11 -5.50
CA GLU A 120 -4.71 18.15 -6.51
C GLU A 120 -5.71 17.77 -7.59
N ALA A 121 -5.78 16.49 -7.93
CA ALA A 121 -6.75 16.04 -8.92
C ALA A 121 -8.14 16.39 -8.41
N TYR A 122 -8.39 16.06 -7.14
CA TYR A 122 -9.65 16.38 -6.49
C TYR A 122 -10.00 17.85 -6.61
N ASN A 123 -9.02 18.71 -6.35
CA ASN A 123 -9.26 20.15 -6.42
C ASN A 123 -9.57 20.57 -7.84
N LEU A 124 -8.80 20.05 -8.79
CA LEU A 124 -9.05 20.34 -10.17
C LEU A 124 -10.46 19.90 -10.50
N GLY A 125 -10.87 18.78 -9.91
CA GLY A 125 -12.21 18.25 -10.13
C GLY A 125 -13.26 19.22 -9.64
N LEU A 126 -13.03 19.81 -8.48
CA LEU A 126 -13.96 20.77 -7.92
C LEU A 126 -13.99 22.01 -8.81
N GLU A 127 -12.84 22.32 -9.40
CA GLU A 127 -12.74 23.48 -10.26
C GLU A 127 -13.54 23.23 -11.56
N ILE A 128 -13.32 22.08 -12.17
CA ILE A 128 -14.14 21.74 -13.32
C ILE A 128 -15.65 21.90 -13.01
N LYS A 129 -16.11 21.32 -11.91
CA LYS A 129 -17.54 21.33 -11.58
C LYS A 129 -18.13 22.75 -11.46
N ASN A 130 -17.37 23.67 -10.88
CA ASN A 130 -17.87 25.02 -10.71
C ASN A 130 -17.89 25.72 -12.04
N LYS A 131 -16.86 25.44 -12.84
CA LYS A 131 -16.72 26.09 -14.13
C LYS A 131 -17.97 25.80 -14.94
N ILE A 132 -18.28 24.51 -15.06
CA ILE A 132 -19.40 24.08 -15.84
C ILE A 132 -20.71 24.65 -15.30
N LEU A 133 -20.84 24.64 -13.97
CA LEU A 133 -22.05 25.18 -13.36
C LEU A 133 -22.17 26.69 -13.62
N GLU A 134 -21.05 27.38 -13.77
CA GLU A 134 -21.11 28.82 -13.95
C GLU A 134 -21.48 29.20 -15.38
N LYS A 135 -20.93 28.48 -16.33
CA LYS A 135 -21.06 28.82 -17.73
C LYS A 135 -22.27 28.16 -18.37
N GLU A 136 -22.63 26.98 -17.89
CA GLU A 136 -23.71 26.23 -18.55
C GLU A 136 -24.86 25.85 -17.62
N LYS A 137 -24.69 26.11 -16.32
CA LYS A 137 -25.75 25.86 -15.36
C LYS A 137 -26.10 24.38 -15.22
N ILE A 138 -25.15 23.52 -15.58
CA ILE A 138 -25.27 22.06 -15.60
C ILE A 138 -24.42 21.45 -14.48
N THR A 139 -25.00 20.61 -13.64
CA THR A 139 -24.21 19.86 -12.66
C THR A 139 -23.66 18.56 -13.26
N VAL A 140 -22.53 18.08 -12.78
CA VAL A 140 -21.96 16.86 -13.34
C VAL A 140 -21.37 15.96 -12.27
N THR A 141 -20.95 14.76 -12.62
CA THR A 141 -20.25 13.97 -11.63
C THR A 141 -18.84 13.63 -12.11
N VAL A 142 -17.90 13.69 -11.17
CA VAL A 142 -16.48 13.50 -11.48
C VAL A 142 -15.86 12.29 -10.79
N GLY A 143 -15.10 11.51 -11.56
CA GLY A 143 -14.45 10.30 -11.05
C GLY A 143 -12.96 10.40 -11.30
N ILE A 144 -12.19 10.13 -10.27
CA ILE A 144 -10.75 10.21 -10.41
C ILE A 144 -10.10 8.88 -9.98
N SER A 145 -9.35 8.28 -10.90
CA SER A 145 -8.51 7.15 -10.56
C SER A 145 -7.28 7.05 -11.46
N LYS A 146 -6.48 6.00 -11.27
CA LYS A 146 -5.27 5.78 -12.04
C LYS A 146 -5.57 5.31 -13.48
N ASN A 147 -6.82 4.98 -13.79
CA ASN A 147 -7.16 4.62 -15.17
C ASN A 147 -8.61 4.82 -15.53
N LYS A 148 -8.93 4.67 -16.80
CA LYS A 148 -10.26 4.89 -17.27
C LYS A 148 -11.30 4.05 -16.55
N VAL A 149 -11.05 2.76 -16.39
CA VAL A 149 -12.08 1.89 -15.84
C VAL A 149 -12.47 2.37 -14.44
N PHE A 150 -11.48 2.61 -13.59
CA PHE A 150 -11.73 2.99 -12.21
C PHE A 150 -12.20 4.42 -12.05
N ALA A 151 -11.80 5.30 -12.95
CA ALA A 151 -12.41 6.63 -12.95
C ALA A 151 -13.92 6.54 -13.25
N LYS A 152 -14.30 5.66 -14.16
CA LYS A 152 -15.69 5.39 -14.44
C LYS A 152 -16.45 4.80 -13.24
N ILE A 153 -15.81 3.91 -12.50
CA ILE A 153 -16.47 3.28 -11.36
C ILE A 153 -16.68 4.29 -10.23
N ALA A 154 -15.67 5.13 -10.02
CA ALA A 154 -15.70 6.13 -8.97
C ALA A 154 -16.84 7.07 -9.24
N ALA A 155 -17.08 7.36 -10.50
CA ALA A 155 -18.17 8.24 -10.85
C ALA A 155 -19.51 7.58 -10.54
N ASP A 156 -19.61 6.28 -10.85
CA ASP A 156 -20.85 5.52 -10.66
C ASP A 156 -21.22 5.44 -9.20
N MET A 157 -20.23 5.43 -8.34
CA MET A 157 -20.51 5.52 -6.93
C MET A 157 -20.99 6.90 -6.50
N ALA A 158 -20.59 7.96 -7.19
CA ALA A 158 -20.80 9.33 -6.71
C ALA A 158 -22.05 10.06 -7.24
N LYS A 159 -22.67 9.52 -8.28
CA LYS A 159 -23.79 10.15 -8.97
C LYS A 159 -25.00 10.28 -8.06
N PRO A 160 -25.73 11.40 -8.15
CA PRO A 160 -25.50 12.57 -9.03
C PRO A 160 -24.75 13.70 -8.36
N ASN A 161 -24.21 14.61 -9.15
CA ASN A 161 -23.55 15.80 -8.59
C ASN A 161 -22.48 15.41 -7.55
N GLY A 162 -21.58 14.51 -7.92
CA GLY A 162 -20.59 14.06 -6.97
C GLY A 162 -19.16 14.18 -7.46
N ILE A 163 -18.23 13.72 -6.64
CA ILE A 163 -16.84 13.72 -7.00
C ILE A 163 -16.18 12.65 -6.14
N LYS A 164 -15.44 11.74 -6.77
CA LYS A 164 -14.84 10.66 -6.01
C LYS A 164 -13.47 10.22 -6.53
N VAL A 165 -12.52 10.10 -5.61
CA VAL A 165 -11.21 9.54 -5.89
C VAL A 165 -11.19 8.07 -5.49
N ILE A 166 -10.61 7.21 -6.32
CA ILE A 166 -10.29 5.87 -5.89
C ILE A 166 -8.79 5.78 -6.02
N ASP A 167 -8.11 5.83 -4.87
CA ASP A 167 -6.66 5.89 -4.87
C ASP A 167 -6.09 4.48 -4.91
N ASP A 168 -4.76 4.36 -5.00
CA ASP A 168 -4.12 3.07 -5.19
C ASP A 168 -4.51 2.04 -4.12
N GLU A 169 -4.85 2.52 -2.93
CA GLU A 169 -5.40 1.66 -1.87
C GLU A 169 -6.69 1.01 -2.31
N GLU A 170 -7.64 1.88 -2.68
CA GLU A 170 -9.00 1.44 -2.90
C GLU A 170 -9.08 0.57 -4.13
N VAL A 171 -8.22 0.85 -5.11
CA VAL A 171 -8.13 0.04 -6.31
C VAL A 171 -7.78 -1.39 -5.91
N LYS A 172 -6.80 -1.54 -5.04
CA LYS A 172 -6.42 -2.86 -4.54
C LYS A 172 -7.56 -3.52 -3.79
N ARG A 173 -8.31 -2.73 -3.02
CA ARG A 173 -9.43 -3.27 -2.26
C ARG A 173 -10.59 -3.69 -3.17
N LEU A 174 -10.86 -2.90 -4.18
CA LEU A 174 -12.01 -3.12 -5.05
C LEU A 174 -11.78 -4.29 -5.96
N ILE A 175 -10.53 -4.52 -6.33
CA ILE A 175 -10.15 -5.72 -7.07
C ILE A 175 -10.48 -6.96 -6.22
N ARG A 176 -10.72 -6.74 -4.92
CA ARG A 176 -11.10 -7.83 -4.02
C ARG A 176 -12.56 -7.80 -3.60
N GLU A 177 -13.11 -6.60 -3.40
CA GLU A 177 -14.44 -6.48 -2.79
C GLU A 177 -15.58 -6.27 -3.78
N LEU A 178 -15.31 -5.57 -4.87
CA LEU A 178 -16.35 -5.14 -5.78
C LEU A 178 -16.95 -6.27 -6.61
N ASP A 179 -18.27 -6.36 -6.62
CA ASP A 179 -18.97 -7.34 -7.42
C ASP A 179 -18.56 -7.15 -8.88
N ILE A 180 -18.25 -8.25 -9.54
CA ILE A 180 -17.66 -8.21 -10.88
C ILE A 180 -18.60 -7.63 -11.96
N ALA A 181 -19.91 -7.73 -11.73
CA ALA A 181 -20.86 -7.16 -12.66
C ALA A 181 -20.84 -5.63 -12.63
N ASP A 182 -20.05 -5.05 -11.73
CA ASP A 182 -19.90 -3.59 -11.70
C ASP A 182 -18.68 -3.09 -12.47
N VAL A 183 -18.02 -4.00 -13.18
CA VAL A 183 -16.90 -3.61 -13.99
C VAL A 183 -17.43 -3.17 -15.34
N PRO A 184 -17.16 -1.92 -15.71
CA PRO A 184 -17.64 -1.46 -17.02
C PRO A 184 -17.28 -2.47 -18.07
N GLY A 185 -18.26 -2.80 -18.92
CA GLY A 185 -18.09 -3.83 -19.93
C GLY A 185 -18.56 -5.21 -19.50
N ILE A 186 -18.92 -5.39 -18.24
CA ILE A 186 -19.51 -6.65 -17.81
C ILE A 186 -20.99 -6.44 -17.62
N GLY A 187 -21.76 -6.87 -18.61
CA GLY A 187 -23.21 -6.77 -18.55
C GLY A 187 -23.87 -8.07 -18.14
N ASN A 188 -25.16 -8.19 -18.47
CA ASN A 188 -25.97 -9.31 -17.99
C ASN A 188 -25.61 -10.71 -18.49
N ILE A 189 -25.29 -10.85 -19.78
CA ILE A 189 -24.89 -12.14 -20.31
C ILE A 189 -23.59 -12.61 -19.66
N THR A 190 -22.61 -11.71 -19.58
CA THR A 190 -21.28 -12.04 -19.05
C THR A 190 -21.29 -12.33 -17.53
N ALA A 191 -22.08 -11.59 -16.77
CA ALA A 191 -22.14 -11.82 -15.34
C ALA A 191 -22.63 -13.24 -15.06
N GLU A 192 -23.55 -13.72 -15.89
CA GLU A 192 -24.12 -15.03 -15.70
C GLU A 192 -23.03 -16.09 -15.87
N LYS A 193 -22.30 -16.00 -16.98
CA LYS A 193 -21.26 -16.96 -17.30
C LYS A 193 -20.20 -17.02 -16.20
N LEU A 194 -19.93 -15.87 -15.59
CA LEU A 194 -18.92 -15.79 -14.55
C LEU A 194 -19.41 -16.34 -13.21
N LYS A 195 -20.67 -16.15 -12.89
CA LYS A 195 -21.17 -16.66 -11.61
C LYS A 195 -21.43 -18.15 -11.67
N LYS A 196 -21.90 -18.64 -12.83
CA LYS A 196 -22.03 -20.07 -13.04
C LYS A 196 -20.66 -20.75 -12.88
N LEU A 197 -19.59 -19.98 -13.13
CA LEU A 197 -18.23 -20.45 -12.97
C LEU A 197 -17.74 -20.27 -11.55
N GLY A 198 -18.25 -19.26 -10.87
CA GLY A 198 -17.84 -19.00 -9.50
C GLY A 198 -16.82 -17.88 -9.45
N ILE A 199 -16.86 -17.02 -10.46
CA ILE A 199 -16.10 -15.77 -10.45
C ILE A 199 -17.05 -14.66 -10.06
N ASN A 200 -16.77 -14.05 -8.91
CA ASN A 200 -17.63 -13.05 -8.32
C ASN A 200 -16.87 -11.76 -8.12
N LYS A 201 -15.55 -11.87 -8.17
CA LYS A 201 -14.65 -10.75 -7.90
C LYS A 201 -13.53 -10.73 -8.93
N LEU A 202 -13.11 -9.55 -9.34
CA LEU A 202 -11.97 -9.44 -10.24
C LEU A 202 -10.82 -10.37 -9.82
N VAL A 203 -10.58 -10.50 -8.51
CA VAL A 203 -9.46 -11.31 -8.03
C VAL A 203 -9.56 -12.79 -8.43
N ASP A 204 -10.78 -13.31 -8.48
CA ASP A 204 -10.99 -14.70 -8.82
C ASP A 204 -10.44 -15.06 -10.18
N THR A 205 -10.32 -14.08 -11.06
CA THR A 205 -9.88 -14.34 -12.43
C THR A 205 -8.41 -14.76 -12.59
N LEU A 206 -7.64 -14.71 -11.50
CA LEU A 206 -6.24 -15.16 -11.54
C LEU A 206 -6.18 -16.57 -10.96
N SER A 207 -7.30 -17.00 -10.39
CA SER A 207 -7.39 -18.28 -9.72
C SER A 207 -7.94 -19.34 -10.68
N ILE A 208 -8.16 -18.95 -11.92
CA ILE A 208 -8.75 -19.86 -12.88
C ILE A 208 -7.88 -19.97 -14.13
N GLU A 209 -7.72 -21.20 -14.61
CA GLU A 209 -6.98 -21.47 -15.84
C GLU A 209 -7.53 -20.59 -16.95
N PHE A 210 -6.65 -19.81 -17.57
CA PHE A 210 -7.02 -18.86 -18.61
C PHE A 210 -7.98 -19.43 -19.69
N ASP A 211 -7.71 -20.63 -20.16
CA ASP A 211 -8.50 -21.19 -21.28
C ASP A 211 -9.98 -21.47 -20.97
N LYS A 212 -10.30 -21.76 -19.70
CA LYS A 212 -11.69 -21.96 -19.30
C LYS A 212 -12.40 -20.63 -19.23
N LEU A 213 -11.70 -19.63 -18.69
CA LEU A 213 -12.19 -18.27 -18.69
C LEU A 213 -12.44 -17.79 -20.12
N LYS A 214 -11.44 -17.97 -20.97
CA LYS A 214 -11.50 -17.60 -22.38
C LYS A 214 -12.56 -18.43 -23.09
N GLY A 215 -12.69 -19.68 -22.66
CA GLY A 215 -13.68 -20.58 -23.23
C GLY A 215 -15.09 -20.10 -22.99
N MET A 216 -15.31 -19.36 -21.91
CA MET A 216 -16.65 -18.96 -21.54
C MET A 216 -16.97 -17.60 -22.07
N ILE A 217 -16.24 -16.58 -21.62
CA ILE A 217 -16.57 -15.19 -21.94
C ILE A 217 -15.92 -14.67 -23.23
N GLY A 218 -14.99 -15.42 -23.79
CA GLY A 218 -14.27 -14.97 -24.97
C GLY A 218 -12.90 -14.46 -24.60
N GLU A 219 -12.01 -14.41 -25.58
CA GLU A 219 -10.65 -13.95 -25.38
C GLU A 219 -10.54 -12.50 -24.81
N ALA A 220 -11.25 -11.56 -25.41
CA ALA A 220 -10.98 -10.14 -25.16
C ALA A 220 -11.35 -9.67 -23.75
N LYS A 221 -12.51 -10.12 -23.27
CA LYS A 221 -12.97 -9.83 -21.92
C LYS A 221 -12.08 -10.49 -20.90
N ALA A 222 -11.62 -11.69 -21.22
CA ALA A 222 -10.72 -12.39 -20.35
C ALA A 222 -9.48 -11.55 -20.15
N LYS A 223 -8.86 -11.12 -21.25
CA LYS A 223 -7.65 -10.31 -21.14
C LYS A 223 -7.96 -9.04 -20.35
N TYR A 224 -9.07 -8.43 -20.70
CA TYR A 224 -9.56 -7.22 -20.02
C TYR A 224 -9.61 -7.43 -18.52
N LEU A 225 -10.41 -8.40 -18.08
CA LEU A 225 -10.52 -8.70 -16.66
C LEU A 225 -9.18 -9.05 -16.00
N ILE A 226 -8.39 -9.92 -16.62
CA ILE A 226 -7.14 -10.33 -15.99
C ILE A 226 -6.20 -9.15 -15.89
N SER A 227 -6.16 -8.35 -16.95
CA SER A 227 -5.35 -7.14 -16.93
C SER A 227 -5.78 -6.20 -15.79
N LEU A 228 -7.08 -6.09 -15.57
CA LEU A 228 -7.58 -5.26 -14.49
C LEU A 228 -7.22 -5.77 -13.10
N ALA A 229 -7.13 -7.09 -12.94
CA ALA A 229 -6.83 -7.70 -11.64
C ALA A 229 -5.35 -7.66 -11.27
N ARG A 230 -4.49 -7.76 -12.27
CA ARG A 230 -3.05 -7.59 -12.07
C ARG A 230 -2.69 -6.13 -11.80
N ASP A 231 -3.69 -5.24 -11.87
CA ASP A 231 -3.50 -3.79 -11.75
C ASP A 231 -2.49 -3.31 -12.79
N GLU A 232 -2.64 -3.80 -14.01
CA GLU A 232 -1.76 -3.42 -15.09
C GLU A 232 -2.51 -2.64 -16.17
N TYR A 233 -3.84 -2.65 -16.10
CA TYR A 233 -4.65 -1.99 -17.13
C TYR A 233 -4.23 -0.52 -17.25
N ASN A 234 -3.77 -0.15 -18.44
CA ASN A 234 -3.21 1.17 -18.63
C ASN A 234 -3.50 1.79 -20.02
N GLU A 235 -4.66 1.45 -20.57
CA GLU A 235 -5.02 1.90 -21.91
C GLU A 235 -5.18 3.43 -21.91
N PRO A 236 -4.50 4.12 -22.83
CA PRO A 236 -4.38 5.55 -22.65
C PRO A 236 -5.57 6.35 -23.18
N ILE A 237 -5.64 7.62 -22.81
CA ILE A 237 -6.66 8.50 -23.32
C ILE A 237 -6.37 8.85 -24.79
N ARG A 238 -7.28 8.53 -25.70
CA ARG A 238 -7.06 8.80 -27.10
C ARG A 238 -8.23 9.54 -27.72
N THR A 239 -7.94 10.53 -28.56
CA THR A 239 -8.96 11.26 -29.29
C THR A 239 -9.77 10.31 -30.15
N ARG A 240 -11.04 10.15 -29.81
CA ARG A 240 -11.90 9.22 -30.54
C ARG A 240 -12.18 9.71 -31.96
N VAL A 241 -12.39 8.76 -32.86
CA VAL A 241 -12.65 9.08 -34.25
C VAL A 241 -13.81 8.23 -34.67
N ARG A 242 -14.93 8.86 -34.98
CA ARG A 242 -16.09 8.13 -35.44
C ARG A 242 -15.69 7.09 -36.51
N LYS A 243 -16.15 5.87 -36.28
CA LYS A 243 -15.82 4.78 -37.15
C LYS A 243 -17.00 4.46 -38.07
N SER A 244 -18.19 4.74 -37.58
CA SER A 244 -19.43 4.60 -38.33
C SER A 244 -20.42 5.72 -38.01
N ILE A 245 -21.32 5.97 -38.95
CA ILE A 245 -22.36 6.98 -38.79
C ILE A 245 -23.60 6.43 -39.46
N GLY A 246 -24.73 6.50 -38.81
CA GLY A 246 -25.92 5.96 -39.41
C GLY A 246 -27.19 6.46 -38.76
N ARG A 247 -28.31 5.95 -39.22
CA ARG A 247 -29.57 6.40 -38.73
C ARG A 247 -30.60 5.29 -38.98
N ILE A 248 -31.54 5.11 -38.06
CA ILE A 248 -32.64 4.19 -38.28
C ILE A 248 -33.95 4.72 -37.70
N VAL A 249 -35.03 4.58 -38.45
CA VAL A 249 -36.30 5.17 -38.06
C VAL A 249 -37.37 4.09 -37.88
N THR A 250 -38.46 4.44 -37.22
CA THR A 250 -39.56 3.50 -36.95
C THR A 250 -40.72 3.78 -37.89
N MET A 251 -41.29 2.72 -38.42
CA MET A 251 -42.36 2.88 -39.39
C MET A 251 -43.72 2.92 -38.72
N LYS A 252 -44.64 3.69 -39.31
CA LYS A 252 -46.00 3.89 -38.79
C LYS A 252 -46.71 2.58 -38.57
N ARG A 253 -46.43 1.63 -39.43
CA ARG A 253 -46.89 0.26 -39.22
C ARG A 253 -45.94 -0.71 -39.90
N ASN A 254 -45.91 -1.93 -39.40
CA ASN A 254 -45.03 -2.95 -39.91
C ASN A 254 -45.31 -3.25 -41.37
N SER A 255 -44.24 -3.50 -42.14
CA SER A 255 -44.41 -3.75 -43.58
C SER A 255 -43.48 -4.83 -44.15
N ARG A 256 -43.75 -5.23 -45.40
CA ARG A 256 -42.84 -6.05 -46.20
C ARG A 256 -42.78 -5.44 -47.59
N ASN A 257 -43.66 -4.47 -47.80
CA ASN A 257 -43.81 -3.82 -49.09
C ASN A 257 -42.71 -2.82 -49.38
N LEU A 258 -41.81 -3.18 -50.30
CA LEU A 258 -40.70 -2.32 -50.68
C LEU A 258 -41.11 -0.87 -50.96
N GLU A 259 -42.28 -0.67 -51.56
CA GLU A 259 -42.80 0.68 -51.82
C GLU A 259 -43.21 1.39 -50.54
N GLU A 260 -43.67 0.64 -49.55
CA GLU A 260 -44.16 1.24 -48.30
C GLU A 260 -43.00 1.61 -47.40
N ILE A 261 -41.96 0.77 -47.43
CA ILE A 261 -40.69 0.97 -46.70
C ILE A 261 -39.72 1.98 -47.33
N LYS A 262 -39.67 2.02 -48.65
CA LYS A 262 -38.67 2.83 -49.34
C LYS A 262 -38.48 4.25 -48.81
N PRO A 263 -39.58 5.01 -48.62
CA PRO A 263 -39.38 6.39 -48.18
C PRO A 263 -38.78 6.49 -46.78
N TYR A 264 -38.96 5.45 -45.96
CA TYR A 264 -38.33 5.48 -44.62
C TYR A 264 -36.83 5.32 -44.76
N LEU A 265 -36.43 4.32 -45.53
CA LEU A 265 -35.03 4.05 -45.77
C LEU A 265 -34.34 5.27 -46.36
N PHE A 266 -35.02 5.97 -47.27
CA PHE A 266 -34.40 7.12 -47.94
C PHE A 266 -34.21 8.33 -47.02
N ARG A 267 -35.17 8.56 -46.13
CA ARG A 267 -35.05 9.57 -45.08
C ARG A 267 -33.77 9.33 -44.30
N ALA A 268 -33.47 8.06 -44.05
CA ALA A 268 -32.36 7.67 -43.22
C ALA A 268 -31.05 7.93 -43.93
N ILE A 269 -31.03 7.68 -45.23
CA ILE A 269 -29.82 7.96 -46.01
C ILE A 269 -29.54 9.45 -46.07
N GLU A 270 -30.61 10.24 -46.24
CA GLU A 270 -30.49 11.70 -46.30
C GLU A 270 -29.88 12.25 -45.05
N GLU A 271 -30.47 11.89 -43.90
CA GLU A 271 -29.95 12.32 -42.62
C GLU A 271 -28.54 11.80 -42.47
N SER A 272 -28.36 10.52 -42.74
CA SER A 272 -27.07 9.89 -42.58
C SER A 272 -25.99 10.62 -43.35
N TYR A 273 -26.31 10.99 -44.58
CA TYR A 273 -25.30 11.59 -45.43
C TYR A 273 -24.96 13.00 -44.96
N TYR A 274 -25.95 13.69 -44.41
CA TYR A 274 -25.76 14.99 -43.79
C TYR A 274 -24.75 14.95 -42.63
N LYS A 275 -24.88 13.94 -41.76
CA LYS A 275 -23.95 13.77 -40.65
C LYS A 275 -22.55 13.33 -41.09
N LEU A 276 -22.43 12.77 -42.28
CA LEU A 276 -21.13 12.29 -42.78
C LEU A 276 -20.10 13.43 -42.86
N ASP A 277 -20.51 14.54 -43.46
CA ASP A 277 -19.78 15.78 -43.35
C ASP A 277 -18.39 15.70 -44.00
N LYS A 278 -18.36 15.46 -45.30
CA LYS A 278 -17.07 15.47 -45.97
C LYS A 278 -16.34 14.15 -45.83
N ARG A 279 -16.83 13.30 -44.94
CA ARG A 279 -16.32 11.93 -44.87
C ARG A 279 -16.93 11.08 -45.98
N ILE A 280 -16.08 10.31 -46.65
CA ILE A 280 -16.49 9.40 -47.71
C ILE A 280 -16.41 7.97 -47.17
N PRO A 281 -17.51 7.23 -47.22
CA PRO A 281 -17.46 5.84 -46.73
C PRO A 281 -17.28 4.80 -47.84
N LYS A 282 -16.63 3.69 -47.51
CA LYS A 282 -16.52 2.56 -48.44
C LYS A 282 -17.50 1.45 -48.12
N ALA A 283 -18.14 1.54 -46.96
CA ALA A 283 -19.02 0.46 -46.52
C ALA A 283 -20.38 0.95 -46.11
N ILE A 284 -21.40 0.36 -46.73
CA ILE A 284 -22.80 0.62 -46.38
C ILE A 284 -23.48 -0.62 -45.84
N HIS A 285 -24.28 -0.45 -44.79
CA HIS A 285 -25.07 -1.54 -44.25
C HIS A 285 -26.52 -1.11 -44.08
N VAL A 286 -27.47 -1.88 -44.60
CA VAL A 286 -28.87 -1.66 -44.26
C VAL A 286 -29.25 -2.53 -43.05
N VAL A 287 -29.83 -1.91 -42.03
CA VAL A 287 -30.23 -2.61 -40.81
C VAL A 287 -31.74 -2.55 -40.70
N ALA A 288 -32.34 -3.66 -40.32
CA ALA A 288 -33.78 -3.76 -40.22
C ALA A 288 -34.12 -4.40 -38.90
N VAL A 289 -35.05 -3.80 -38.17
CA VAL A 289 -35.60 -4.44 -36.98
C VAL A 289 -36.95 -5.02 -37.33
N THR A 290 -37.17 -6.27 -36.93
CA THR A 290 -38.36 -7.05 -37.28
C THR A 290 -39.51 -6.86 -36.29
N GLU A 291 -40.61 -7.60 -36.53
CA GLU A 291 -41.78 -7.56 -35.66
C GLU A 291 -41.44 -7.96 -34.23
N ASP A 292 -40.74 -9.09 -34.09
CA ASP A 292 -40.32 -9.61 -32.80
C ASP A 292 -39.00 -8.99 -32.33
N LEU A 293 -38.70 -7.81 -32.87
CA LEU A 293 -37.62 -6.96 -32.39
C LEU A 293 -36.22 -7.52 -32.61
N ASP A 294 -36.13 -8.68 -33.26
CA ASP A 294 -34.84 -9.21 -33.72
C ASP A 294 -34.17 -8.27 -34.73
N ILE A 295 -32.87 -8.11 -34.67
CA ILE A 295 -32.18 -7.19 -35.58
C ILE A 295 -31.38 -7.91 -36.66
N VAL A 296 -31.71 -7.60 -37.92
CA VAL A 296 -31.14 -8.26 -39.11
C VAL A 296 -30.48 -7.20 -40.00
N SER A 297 -29.39 -7.54 -40.67
CA SER A 297 -28.78 -6.58 -41.59
C SER A 297 -28.07 -7.20 -42.78
N ARG A 298 -27.90 -6.41 -43.83
CA ARG A 298 -27.24 -6.85 -45.05
C ARG A 298 -26.35 -5.70 -45.50
N GLY A 299 -25.13 -6.02 -45.89
CA GLY A 299 -24.15 -5.00 -46.23
C GLY A 299 -23.32 -5.24 -47.49
N ARG A 300 -22.40 -4.33 -47.74
CA ARG A 300 -21.47 -4.47 -48.84
C ARG A 300 -20.32 -3.50 -48.58
N THR A 301 -19.12 -3.88 -49.01
CA THR A 301 -17.98 -3.01 -48.94
C THR A 301 -17.45 -2.84 -50.33
N PHE A 302 -17.15 -1.59 -50.70
CA PHE A 302 -16.65 -1.28 -52.04
C PHE A 302 -15.14 -1.05 -51.98
N PRO A 303 -14.43 -1.26 -53.08
CA PRO A 303 -13.02 -0.89 -53.00
C PRO A 303 -12.81 0.64 -53.02
N HIS A 304 -13.89 1.41 -52.95
CA HIS A 304 -13.84 2.84 -53.24
C HIS A 304 -14.99 3.55 -52.52
N GLY A 305 -14.85 4.85 -52.33
CA GLY A 305 -15.87 5.63 -51.67
C GLY A 305 -17.22 5.56 -52.38
N ILE A 306 -18.27 5.61 -51.58
CA ILE A 306 -19.66 5.57 -52.02
C ILE A 306 -20.22 7.00 -52.14
N SER A 307 -20.79 7.32 -53.29
CA SER A 307 -21.46 8.61 -53.48
C SER A 307 -22.87 8.50 -52.99
N LYS A 308 -23.56 9.63 -52.85
CA LYS A 308 -24.95 9.59 -52.37
C LYS A 308 -25.86 8.86 -53.37
N GLU A 309 -25.52 8.97 -54.66
CA GLU A 309 -26.24 8.21 -55.70
C GLU A 309 -26.11 6.69 -55.55
N THR A 310 -24.88 6.20 -55.34
CA THR A 310 -24.62 4.79 -55.13
C THR A 310 -25.34 4.27 -53.90
N ALA A 311 -25.32 5.06 -52.83
CA ALA A 311 -25.95 4.72 -51.57
C ALA A 311 -27.45 4.44 -51.70
N TYR A 312 -28.14 5.29 -52.43
CA TYR A 312 -29.54 5.04 -52.76
C TYR A 312 -29.73 3.71 -53.46
N SER A 313 -28.85 3.37 -54.40
CA SER A 313 -29.06 2.19 -55.23
C SER A 313 -28.73 0.93 -54.49
N GLU A 314 -27.59 0.95 -53.79
CA GLU A 314 -27.11 -0.25 -53.15
C GLU A 314 -28.05 -0.58 -52.00
N SER A 315 -28.62 0.45 -51.39
CA SER A 315 -29.40 0.21 -50.20
C SER A 315 -30.69 -0.44 -50.57
N VAL A 316 -31.27 -0.02 -51.69
CA VAL A 316 -32.47 -0.67 -52.20
C VAL A 316 -32.26 -2.17 -52.51
N LYS A 317 -31.15 -2.50 -53.15
CA LYS A 317 -30.79 -3.90 -53.34
C LYS A 317 -30.73 -4.64 -52.00
N LEU A 318 -30.06 -4.02 -51.02
CA LEU A 318 -29.81 -4.64 -49.72
C LEU A 318 -31.10 -4.88 -48.97
N LEU A 319 -32.02 -3.93 -49.07
CA LEU A 319 -33.32 -4.06 -48.44
C LEU A 319 -34.03 -5.31 -49.00
N GLN A 320 -34.12 -5.38 -50.33
CA GLN A 320 -34.66 -6.55 -51.01
C GLN A 320 -33.95 -7.81 -50.58
N LYS A 321 -32.63 -7.75 -50.45
CA LYS A 321 -31.86 -8.90 -50.03
C LYS A 321 -32.37 -9.39 -48.66
N ILE A 322 -32.72 -8.46 -47.78
CA ILE A 322 -33.34 -8.78 -46.49
C ILE A 322 -34.72 -9.41 -46.66
N LEU A 323 -35.58 -8.73 -47.39
CA LEU A 323 -36.95 -9.20 -47.59
C LEU A 323 -36.93 -10.61 -48.19
N GLU A 324 -35.95 -10.84 -49.05
CA GLU A 324 -35.74 -12.13 -49.69
C GLU A 324 -35.40 -13.22 -48.70
N GLU A 325 -34.49 -12.94 -47.78
CA GLU A 325 -33.93 -13.98 -46.93
C GLU A 325 -34.61 -14.11 -45.57
N ASP A 326 -35.40 -13.12 -45.19
CA ASP A 326 -36.16 -13.19 -43.95
C ASP A 326 -37.62 -12.88 -44.28
N GLU A 327 -38.51 -13.77 -43.86
CA GLU A 327 -39.94 -13.62 -44.19
C GLU A 327 -40.76 -12.87 -43.12
N ARG A 328 -40.09 -12.37 -42.08
CA ARG A 328 -40.78 -11.55 -41.08
C ARG A 328 -41.06 -10.15 -41.64
N LYS A 329 -42.03 -9.45 -41.05
CA LYS A 329 -42.31 -8.08 -41.48
C LYS A 329 -41.31 -7.15 -40.82
N ILE A 330 -41.23 -5.91 -41.31
CA ILE A 330 -40.24 -4.97 -40.81
C ILE A 330 -40.89 -3.87 -39.99
N ARG A 331 -40.24 -3.47 -38.91
CA ARG A 331 -40.79 -2.47 -38.00
C ARG A 331 -39.94 -1.18 -37.96
N ARG A 332 -38.62 -1.31 -37.97
CA ARG A 332 -37.76 -0.14 -38.07
C ARG A 332 -36.79 -0.42 -39.17
N ILE A 333 -36.36 0.61 -39.87
CA ILE A 333 -35.46 0.40 -40.98
C ILE A 333 -34.45 1.51 -40.95
N GLY A 334 -33.22 1.21 -41.36
CA GLY A 334 -32.19 2.25 -41.46
C GLY A 334 -30.93 1.74 -42.13
N VAL A 335 -29.86 2.50 -41.98
CA VAL A 335 -28.66 2.35 -42.74
C VAL A 335 -27.46 2.78 -41.88
N ARG A 336 -26.28 2.23 -42.15
CA ARG A 336 -25.11 2.61 -41.38
C ARG A 336 -23.95 2.63 -42.34
N PHE A 337 -23.19 3.71 -42.30
CA PHE A 337 -22.04 3.93 -43.17
C PHE A 337 -20.80 3.83 -42.30
N SER A 338 -19.75 3.25 -42.89
CA SER A 338 -18.52 3.00 -42.16
C SER A 338 -17.38 2.93 -43.14
N LYS A 339 -16.18 2.75 -42.60
CA LYS A 339 -14.94 2.57 -43.39
C LYS A 339 -14.56 3.80 -44.19
N PHE A 340 -14.30 4.88 -43.46
CA PHE A 340 -14.03 6.17 -44.09
C PHE A 340 -12.61 6.23 -44.62
N ILE A 341 -12.39 7.13 -45.59
CA ILE A 341 -11.04 7.36 -46.14
C ILE A 341 -10.27 8.39 -45.28
N GLY D 1 44.98 -16.74 34.16
CA GLY D 1 44.87 -15.25 34.30
C GLY D 1 43.78 -14.85 35.28
N ILE D 2 43.51 -13.54 35.34
CA ILE D 2 42.47 -13.02 36.22
C ILE D 2 41.61 -12.01 35.47
N VAL D 3 40.30 -12.23 35.49
CA VAL D 3 39.39 -11.36 34.76
C VAL D 3 38.70 -10.31 35.64
N LEU D 4 38.93 -9.04 35.31
CA LEU D 4 38.23 -7.94 35.98
C LEU D 4 37.18 -7.37 35.03
N PHE D 5 35.92 -7.38 35.46
CA PHE D 5 34.81 -7.01 34.60
C PHE D 5 34.04 -5.81 35.16
N VAL D 6 34.03 -4.71 34.40
CA VAL D 6 33.40 -3.48 34.84
C VAL D 6 32.07 -3.23 34.14
N ASP D 7 31.07 -2.87 34.92
CA ASP D 7 29.75 -2.56 34.39
C ASP D 7 29.21 -1.33 35.10
N PHE D 8 28.67 -0.38 34.33
CA PHE D 8 28.18 0.90 34.86
C PHE D 8 26.73 0.81 35.38
N ASP D 9 26.42 1.54 36.45
CA ASP D 9 25.14 1.39 37.15
C ASP D 9 24.01 2.22 36.53
N TYR D 10 22.88 1.58 36.25
CA TYR D 10 21.77 2.24 35.56
C TYR D 10 22.27 3.40 34.68
N PHE D 11 23.18 3.05 33.78
CA PHE D 11 24.02 4.01 33.06
C PHE D 11 23.36 5.29 32.55
N TYR D 12 22.51 5.21 31.53
CA TYR D 12 21.92 6.44 30.96
C TYR D 12 21.26 7.27 32.04
N ALA D 13 20.33 6.64 32.77
CA ALA D 13 19.64 7.32 33.84
C ALA D 13 20.59 7.95 34.85
N GLN D 14 21.77 7.38 35.07
CA GLN D 14 22.73 8.05 35.94
C GLN D 14 23.40 9.24 35.25
N VAL D 15 23.77 9.07 33.99
CA VAL D 15 24.41 10.15 33.24
C VAL D 15 23.53 11.39 33.22
N GLU D 16 22.25 11.22 32.95
CA GLU D 16 21.31 12.34 32.97
C GLU D 16 21.29 12.99 34.34
N GLU D 17 21.35 12.19 35.39
CA GLU D 17 21.43 12.71 36.75
C GLU D 17 22.72 13.51 36.96
N VAL D 18 23.80 13.07 36.32
CA VAL D 18 25.03 13.83 36.40
C VAL D 18 24.87 15.14 35.62
N LEU D 19 24.37 15.04 34.39
CA LEU D 19 24.19 16.18 33.50
C LEU D 19 23.05 17.10 33.94
N ASN D 20 22.43 16.72 35.04
CA ASN D 20 21.32 17.47 35.64
C ASN D 20 21.14 16.95 37.07
N PRO D 21 21.83 17.58 38.05
CA PRO D 21 21.82 17.12 39.43
C PRO D 21 20.48 17.32 40.11
N SER D 22 19.68 18.26 39.60
CA SER D 22 18.33 18.49 40.13
C SER D 22 17.35 17.43 39.61
N LEU D 23 17.83 16.20 39.54
CA LEU D 23 17.05 15.04 39.12
C LEU D 23 17.30 13.93 40.13
N LYS D 24 18.20 14.18 41.06
CA LYS D 24 18.62 13.15 42.02
C LYS D 24 17.49 12.80 43.01
N GLY D 25 17.47 11.54 43.41
CA GLY D 25 16.57 11.08 44.46
C GLY D 25 15.15 10.82 44.00
N LYS D 26 14.82 11.29 42.80
CA LYS D 26 13.50 11.06 42.23
C LYS D 26 13.57 10.03 41.12
N PRO D 27 12.42 9.46 40.73
CA PRO D 27 12.42 8.42 39.70
C PRO D 27 12.71 9.00 38.32
N VAL D 28 13.78 8.52 37.67
CA VAL D 28 14.09 8.99 36.33
C VAL D 28 13.98 7.84 35.32
N VAL D 29 13.34 8.11 34.19
CA VAL D 29 13.12 7.09 33.17
C VAL D 29 13.60 7.54 31.80
N VAL D 30 14.50 6.77 31.20
CA VAL D 30 15.00 7.10 29.88
C VAL D 30 14.31 6.25 28.82
N CYS D 31 13.93 6.89 27.72
CA CYS D 31 13.04 6.27 26.72
C CYS D 31 13.55 6.38 25.28
N VAL D 32 13.21 5.38 24.47
CA VAL D 32 13.45 5.43 23.04
C VAL D 32 12.11 5.55 22.33
N PHE D 33 11.78 6.78 21.92
CA PHE D 33 10.51 7.07 21.26
C PHE D 33 10.44 6.45 19.85
N SER D 34 9.21 6.19 19.40
CA SER D 34 8.95 5.47 18.15
C SER D 34 8.98 6.39 16.92
N GLY D 35 8.05 7.33 16.88
CA GLY D 35 7.83 8.14 15.69
C GLY D 35 6.36 8.08 15.36
N ARG D 36 5.63 7.29 16.16
CA ARG D 36 4.18 7.22 16.06
C ARG D 36 3.54 8.32 16.91
N PHE D 37 2.63 7.94 17.80
CA PHE D 37 1.80 8.91 18.54
C PHE D 37 2.49 9.53 19.76
N GLU D 38 1.74 10.34 20.50
CA GLU D 38 2.23 10.93 21.76
C GLU D 38 2.53 9.83 22.80
N ASP D 39 3.71 9.93 23.43
CA ASP D 39 4.17 8.95 24.43
C ASP D 39 4.38 7.57 23.82
N SER D 40 4.90 7.53 22.59
CA SER D 40 5.00 6.26 21.86
C SER D 40 6.42 5.66 21.85
N GLY D 41 6.54 4.43 22.35
CA GLY D 41 7.81 3.70 22.31
C GLY D 41 8.01 2.73 23.47
N ALA D 42 9.20 2.80 24.08
CA ALA D 42 9.57 1.88 25.15
C ALA D 42 10.54 2.55 26.12
N VAL D 43 10.84 1.87 27.23
CA VAL D 43 11.75 2.37 28.24
C VAL D 43 13.08 1.69 28.07
N ALA D 44 14.14 2.48 27.95
CA ALA D 44 15.47 1.93 27.76
C ALA D 44 16.13 1.64 29.11
N THR D 45 15.97 2.55 30.06
CA THR D 45 16.52 2.35 31.40
C THR D 45 15.86 3.25 32.44
N ALA D 46 16.09 2.94 33.71
CA ALA D 46 15.47 3.68 34.79
C ALA D 46 16.36 3.71 36.03
N ASN D 47 16.09 4.65 36.91
CA ASN D 47 16.71 4.70 38.22
C ASN D 47 16.42 3.46 39.01
N TYR D 48 17.23 3.21 40.04
CA TYR D 48 16.90 2.19 41.03
C TYR D 48 15.76 2.69 41.89
N GLU D 49 15.64 4.01 42.01
CA GLU D 49 14.43 4.60 42.59
C GLU D 49 13.23 4.13 41.79
N ALA D 50 13.24 4.40 40.48
CA ALA D 50 12.14 4.05 39.59
C ALA D 50 11.91 2.54 39.51
N ARG D 51 13.01 1.79 39.48
CA ARG D 51 13.00 0.35 39.39
C ARG D 51 12.24 -0.30 40.56
N LYS D 52 12.41 0.28 41.75
CA LYS D 52 11.72 -0.16 42.95
C LYS D 52 10.26 -0.46 42.67
N PHE D 53 9.64 0.36 41.84
CA PHE D 53 8.21 0.29 41.60
C PHE D 53 7.85 -0.44 40.31
N GLY D 54 8.81 -1.11 39.70
CA GLY D 54 8.57 -1.90 38.48
C GLY D 54 8.73 -1.20 37.15
N VAL D 55 9.47 -0.09 37.13
CA VAL D 55 9.78 0.54 35.86
C VAL D 55 11.19 0.11 35.46
N LYS D 56 11.26 -0.76 34.46
CA LYS D 56 12.55 -1.27 34.02
C LYS D 56 12.63 -1.29 32.49
N ALA D 57 13.86 -1.44 31.99
CA ALA D 57 14.14 -1.60 30.57
C ALA D 57 13.22 -2.63 29.94
N GLY D 58 12.62 -2.28 28.80
CA GLY D 58 11.77 -3.23 28.08
C GLY D 58 10.30 -2.84 28.00
N ILE D 59 9.70 -2.46 29.13
CA ILE D 59 8.27 -2.10 29.15
C ILE D 59 7.92 -0.95 28.21
N PRO D 60 6.62 -0.82 27.89
CA PRO D 60 6.08 0.35 27.20
C PRO D 60 6.01 1.57 28.10
N ILE D 61 6.08 2.75 27.51
CA ILE D 61 5.96 4.00 28.26
C ILE D 61 4.56 4.16 28.85
N VAL D 62 3.54 3.81 28.07
CA VAL D 62 2.16 3.82 28.55
C VAL D 62 2.03 3.04 29.86
N GLU D 63 2.68 1.89 29.93
CA GLU D 63 2.62 1.04 31.11
C GLU D 63 3.41 1.68 32.24
N ALA D 64 4.47 2.40 31.88
CA ALA D 64 5.29 3.11 32.85
C ALA D 64 4.54 4.27 33.50
N LYS D 65 3.80 5.03 32.69
CA LYS D 65 3.05 6.17 33.22
C LYS D 65 1.85 5.71 34.03
N LYS D 66 1.39 4.50 33.72
CA LYS D 66 0.36 3.83 34.52
C LYS D 66 0.86 3.67 35.95
N ILE D 67 2.17 3.47 36.10
CA ILE D 67 2.76 3.23 37.41
C ILE D 67 3.31 4.51 38.04
N LEU D 68 3.91 5.35 37.22
CA LEU D 68 4.60 6.54 37.70
C LEU D 68 4.31 7.75 36.84
N PRO D 69 3.29 8.53 37.22
CA PRO D 69 2.94 9.75 36.49
C PRO D 69 3.93 10.86 36.78
N ASN D 70 4.18 11.13 38.06
CA ASN D 70 5.16 12.14 38.47
C ASN D 70 6.60 11.62 38.37
N ALA D 71 7.07 11.47 37.14
CA ALA D 71 8.37 10.85 36.89
C ALA D 71 9.04 11.39 35.63
N VAL D 72 10.32 11.72 35.74
CA VAL D 72 11.03 12.30 34.62
C VAL D 72 11.14 11.27 33.49
N TYR D 73 10.68 11.64 32.30
CA TYR D 73 10.86 10.81 31.13
C TYR D 73 11.77 11.53 30.17
N LEU D 74 12.82 10.86 29.71
CA LEU D 74 13.85 11.53 28.94
C LEU D 74 14.19 10.80 27.65
N PRO D 75 14.37 11.57 26.58
CA PRO D 75 14.76 10.94 25.32
C PRO D 75 16.21 10.46 25.37
N MET D 76 16.45 9.25 24.87
CA MET D 76 17.77 8.67 24.84
C MET D 76 18.81 9.53 24.10
N ARG D 77 19.54 10.35 24.85
CA ARG D 77 20.65 11.16 24.32
C ARG D 77 21.90 10.33 24.07
N LYS D 78 21.76 9.29 23.26
CA LYS D 78 22.79 8.29 22.99
C LYS D 78 24.22 8.80 22.70
N GLU D 79 24.35 9.93 21.99
CA GLU D 79 25.68 10.46 21.67
C GLU D 79 26.46 10.90 22.91
N VAL D 80 25.74 11.49 23.86
CA VAL D 80 26.34 11.90 25.13
C VAL D 80 26.85 10.70 25.94
N TYR D 81 25.98 9.71 26.09
CA TYR D 81 26.34 8.54 26.87
C TYR D 81 27.57 7.94 26.24
N GLN D 82 27.55 7.79 24.92
CA GLN D 82 28.65 7.17 24.18
C GLN D 82 29.97 7.86 24.44
N GLN D 83 29.92 9.17 24.60
CA GLN D 83 31.11 9.95 24.88
C GLN D 83 31.61 9.69 26.29
N VAL D 84 30.68 9.68 27.24
CA VAL D 84 31.02 9.36 28.63
C VAL D 84 31.67 7.98 28.69
N SER D 85 31.15 7.04 27.91
CA SER D 85 31.73 5.71 27.81
C SER D 85 33.16 5.76 27.29
N SER D 86 33.39 6.46 26.18
CA SER D 86 34.74 6.58 25.61
C SER D 86 35.76 7.01 26.67
N ARG D 87 35.44 8.09 27.40
CA ARG D 87 36.31 8.59 28.46
C ARG D 87 36.65 7.52 29.50
N ILE D 88 35.70 6.64 29.81
CA ILE D 88 35.92 5.61 30.83
C ILE D 88 36.64 4.38 30.26
N MET D 89 36.24 3.95 29.07
CA MET D 89 36.92 2.86 28.40
C MET D 89 38.39 3.21 28.17
N ASN D 90 38.65 4.45 27.76
CA ASN D 90 40.03 4.94 27.66
C ASN D 90 40.68 5.00 29.03
N LEU D 91 39.94 5.52 30.01
CA LEU D 91 40.47 5.64 31.37
C LEU D 91 40.55 4.28 32.09
N LEU D 92 40.25 3.21 31.36
CA LEU D 92 40.44 1.85 31.86
C LEU D 92 41.73 1.22 31.29
N ARG D 93 42.08 1.63 30.07
CA ARG D 93 43.21 1.05 29.37
C ARG D 93 44.55 1.30 30.07
N GLU D 94 44.58 2.34 30.89
CA GLU D 94 45.75 2.66 31.70
C GLU D 94 46.13 1.43 32.53
N TYR D 95 45.11 0.66 32.92
CA TYR D 95 45.28 -0.48 33.80
C TYR D 95 45.67 -1.72 33.04
N SER D 96 45.07 -1.93 31.87
CA SER D 96 45.45 -3.05 31.01
C SER D 96 45.15 -2.75 29.55
N GLU D 97 46.12 -3.02 28.67
CA GLU D 97 45.91 -2.91 27.23
C GLU D 97 45.16 -4.12 26.69
N LYS D 98 45.31 -5.25 27.37
CA LYS D 98 44.46 -6.41 27.12
C LYS D 98 43.05 -6.09 27.62
N ILE D 99 42.18 -5.63 26.73
CA ILE D 99 40.83 -5.22 27.15
C ILE D 99 39.72 -5.55 26.13
N GLU D 100 38.57 -6.00 26.62
CA GLU D 100 37.43 -6.28 25.77
C GLU D 100 36.23 -5.39 26.09
N ILE D 101 35.79 -4.61 25.12
CA ILE D 101 34.64 -3.73 25.30
C ILE D 101 33.39 -4.51 24.92
N ALA D 102 32.69 -5.05 25.92
CA ALA D 102 31.52 -5.88 25.68
C ALA D 102 30.30 -5.07 25.24
N SER D 103 30.34 -3.77 25.48
CA SER D 103 29.27 -2.88 25.04
C SER D 103 29.54 -1.47 25.55
N ILE D 104 28.52 -0.62 25.44
CA ILE D 104 28.65 0.77 25.83
C ILE D 104 28.94 0.94 27.32
N ASP D 105 28.63 -0.05 28.14
CA ASP D 105 28.89 0.08 29.58
C ASP D 105 29.52 -1.15 30.23
N GLU D 106 29.95 -2.11 29.40
CA GLU D 106 30.60 -3.34 29.88
C GLU D 106 32.02 -3.45 29.33
N ALA D 107 33.00 -3.55 30.22
CA ALA D 107 34.35 -3.87 29.77
C ALA D 107 34.94 -5.06 30.53
N TYR D 108 35.60 -5.94 29.78
CA TYR D 108 36.34 -7.05 30.36
C TYR D 108 37.82 -6.72 30.30
N LEU D 109 38.51 -6.81 31.44
CA LEU D 109 39.96 -6.62 31.44
C LEU D 109 40.70 -7.92 31.66
N ASP D 110 42.00 -7.81 31.96
CA ASP D 110 42.86 -8.96 32.24
C ASP D 110 43.98 -8.55 33.22
N ILE D 111 44.42 -9.50 34.02
CA ILE D 111 45.45 -9.23 35.04
C ILE D 111 46.56 -10.31 35.01
N SER D 112 46.61 -11.03 33.89
CA SER D 112 47.53 -12.15 33.66
C SER D 112 48.96 -11.88 34.09
N ASP D 113 49.53 -10.78 33.61
CA ASP D 113 50.89 -10.39 33.98
C ASP D 113 50.87 -9.08 34.78
N LYS D 114 49.70 -8.72 35.28
CA LYS D 114 49.58 -7.63 36.25
C LYS D 114 49.57 -8.24 37.66
N VAL D 115 50.33 -9.33 37.81
CA VAL D 115 50.53 -10.06 39.08
C VAL D 115 49.22 -10.63 39.69
N ARG D 116 49.34 -11.81 40.30
CA ARG D 116 48.18 -12.58 40.77
C ARG D 116 47.63 -12.20 42.16
N ASP D 117 46.92 -13.13 42.80
CA ASP D 117 46.24 -12.92 44.09
C ASP D 117 44.95 -12.12 43.95
N TYR D 118 43.88 -12.60 44.57
CA TYR D 118 42.56 -11.98 44.45
C TYR D 118 42.37 -10.72 45.30
N ARG D 119 42.97 -10.68 46.48
CA ARG D 119 42.89 -9.49 47.33
C ARG D 119 43.69 -8.34 46.69
N GLU D 120 44.70 -8.70 45.91
CA GLU D 120 45.46 -7.75 45.13
C GLU D 120 44.54 -7.14 44.07
N ALA D 121 43.79 -8.01 43.40
CA ALA D 121 42.84 -7.58 42.37
C ALA D 121 41.64 -6.86 42.97
N TYR D 122 41.31 -7.17 44.21
CA TYR D 122 40.16 -6.58 44.90
C TYR D 122 40.40 -5.10 45.23
N ASN D 123 41.57 -4.82 45.80
CA ASN D 123 41.95 -3.44 46.11
C ASN D 123 41.98 -2.60 44.84
N LEU D 124 42.49 -3.19 43.77
CA LEU D 124 42.56 -2.56 42.45
C LEU D 124 41.15 -2.30 41.96
N GLY D 125 40.33 -3.35 42.00
CA GLY D 125 38.92 -3.23 41.64
C GLY D 125 38.28 -2.11 42.44
N LEU D 126 38.57 -2.06 43.72
CA LEU D 126 38.09 -1.00 44.60
C LEU D 126 38.72 0.34 44.22
N GLU D 127 39.91 0.29 43.64
CA GLU D 127 40.63 1.50 43.27
C GLU D 127 40.13 2.07 41.94
N ILE D 128 39.65 1.19 41.08
CA ILE D 128 39.06 1.59 39.82
C ILE D 128 37.71 2.27 40.05
N LYS D 129 36.99 1.83 41.08
CA LYS D 129 35.76 2.50 41.47
C LYS D 129 36.06 3.93 41.91
N ASN D 130 37.15 4.09 42.66
CA ASN D 130 37.60 5.39 43.14
C ASN D 130 37.88 6.39 42.03
N LYS D 131 38.58 5.93 40.99
CA LYS D 131 39.00 6.80 39.89
C LYS D 131 37.81 7.35 39.10
N ILE D 132 36.85 6.48 38.81
CA ILE D 132 35.71 6.82 37.97
C ILE D 132 34.75 7.81 38.63
N LEU D 133 34.40 7.55 39.89
CA LEU D 133 33.53 8.45 40.63
C LEU D 133 34.17 9.82 40.71
N GLU D 134 35.49 9.85 40.86
CA GLU D 134 36.23 11.11 40.93
C GLU D 134 36.39 11.76 39.56
N LYS D 135 36.68 10.98 38.52
CA LYS D 135 36.97 11.55 37.21
C LYS D 135 35.80 11.61 36.23
N GLU D 136 34.60 11.22 36.66
CA GLU D 136 33.42 11.22 35.78
C GLU D 136 32.09 11.20 36.54
N LYS D 137 32.14 11.24 37.86
CA LYS D 137 30.94 11.33 38.70
C LYS D 137 29.96 10.17 38.55
N ILE D 138 30.44 9.06 37.99
CA ILE D 138 29.62 7.89 37.76
C ILE D 138 30.06 6.68 38.60
N THR D 139 29.14 6.09 39.36
CA THR D 139 29.44 4.90 40.15
C THR D 139 29.40 3.67 39.24
N VAL D 140 30.23 2.67 39.54
CA VAL D 140 30.28 1.43 38.74
C VAL D 140 30.13 0.17 39.57
N THR D 141 30.41 -0.98 38.94
CA THR D 141 30.37 -2.27 39.61
C THR D 141 31.42 -3.22 39.02
N VAL D 142 32.17 -3.87 39.91
CA VAL D 142 33.31 -4.67 39.50
C VAL D 142 33.13 -6.16 39.82
N GLY D 143 33.53 -7.02 38.88
CA GLY D 143 33.45 -8.46 39.11
C GLY D 143 34.80 -9.10 38.85
N ILE D 144 35.24 -9.96 39.76
CA ILE D 144 36.56 -10.57 39.66
C ILE D 144 36.52 -12.09 39.84
N SER D 145 36.98 -12.81 38.81
CA SER D 145 36.97 -14.28 38.76
C SER D 145 37.99 -14.80 37.76
N LYS D 146 38.08 -16.12 37.64
CA LYS D 146 39.07 -16.76 36.77
C LYS D 146 38.77 -16.63 35.28
N ASN D 147 37.48 -16.65 34.92
CA ASN D 147 37.09 -16.44 33.54
C ASN D 147 36.07 -15.32 33.39
N LYS D 148 35.66 -15.06 32.15
CA LYS D 148 34.76 -13.97 31.86
C LYS D 148 33.39 -14.18 32.46
N VAL D 149 32.88 -15.40 32.39
CA VAL D 149 31.51 -15.69 32.80
C VAL D 149 31.27 -15.48 34.29
N PHE D 150 32.14 -16.03 35.13
CA PHE D 150 31.99 -15.84 36.56
C PHE D 150 32.32 -14.43 37.01
N ALA D 151 33.15 -13.75 36.24
CA ALA D 151 33.48 -12.37 36.52
C ALA D 151 32.25 -11.48 36.29
N LYS D 152 31.48 -11.82 35.25
CA LYS D 152 30.19 -11.19 35.02
C LYS D 152 29.23 -11.54 36.15
N ILE D 153 29.19 -12.82 36.50
CA ILE D 153 28.34 -13.31 37.57
C ILE D 153 28.60 -12.57 38.90
N ALA D 154 29.88 -12.39 39.23
CA ALA D 154 30.27 -11.66 40.42
C ALA D 154 29.55 -10.32 40.51
N ALA D 155 29.48 -9.63 39.38
CA ALA D 155 28.91 -8.28 39.33
C ALA D 155 27.39 -8.21 39.49
N ASP D 156 26.69 -9.33 39.28
CA ASP D 156 25.22 -9.31 39.34
C ASP D 156 24.64 -9.27 40.76
N MET D 157 25.15 -10.07 41.69
CA MET D 157 24.67 -9.99 43.07
C MET D 157 25.18 -8.76 43.83
N ALA D 158 26.26 -8.17 43.32
CA ALA D 158 26.76 -6.90 43.85
C ALA D 158 26.19 -5.68 43.09
N LYS D 159 25.20 -5.94 42.24
CA LYS D 159 24.76 -5.01 41.18
C LYS D 159 24.78 -3.53 41.54
N PRO D 160 23.86 -3.09 42.42
CA PRO D 160 23.73 -1.65 42.53
C PRO D 160 24.91 -1.09 43.32
N ASN D 161 25.94 -0.65 42.61
CA ASN D 161 27.20 -0.18 43.22
C ASN D 161 27.86 -1.21 44.14
N GLY D 162 29.17 -1.36 43.98
CA GLY D 162 29.93 -2.27 44.81
C GLY D 162 30.93 -3.14 44.08
N ILE D 163 31.49 -4.10 44.81
CA ILE D 163 32.55 -4.95 44.28
C ILE D 163 32.44 -6.35 44.87
N LYS D 164 32.72 -7.35 44.05
CA LYS D 164 32.56 -8.74 44.48
C LYS D 164 33.66 -9.62 43.92
N VAL D 165 34.03 -10.62 44.69
CA VAL D 165 35.10 -11.54 44.33
C VAL D 165 34.59 -12.97 44.35
N ILE D 166 34.83 -13.66 43.25
CA ILE D 166 34.58 -15.09 43.18
C ILE D 166 35.92 -15.79 42.95
N ASP D 167 36.51 -16.31 44.03
CA ASP D 167 37.84 -16.90 43.95
C ASP D 167 37.84 -18.26 43.21
N ASP D 168 38.18 -19.33 43.93
CA ASP D 168 38.20 -20.68 43.37
C ASP D 168 37.35 -21.61 44.22
N GLU D 169 37.35 -21.35 45.53
CA GLU D 169 36.48 -22.03 46.47
C GLU D 169 35.06 -21.46 46.35
N GLU D 170 34.90 -20.45 45.49
CA GLU D 170 33.60 -19.83 45.28
C GLU D 170 33.01 -20.22 43.92
N VAL D 171 33.85 -20.34 42.90
CA VAL D 171 33.43 -20.89 41.63
C VAL D 171 32.86 -22.28 41.89
N LYS D 172 33.68 -23.13 42.50
CA LYS D 172 33.29 -24.48 42.89
C LYS D 172 31.84 -24.56 43.35
N ARG D 173 31.47 -23.67 44.28
CA ARG D 173 30.17 -23.74 44.93
C ARG D 173 29.06 -23.31 43.99
N LEU D 174 29.39 -22.42 43.06
CA LEU D 174 28.40 -21.92 42.10
C LEU D 174 27.96 -23.00 41.11
N ILE D 175 28.93 -23.72 40.53
CA ILE D 175 28.59 -24.74 39.56
C ILE D 175 27.53 -25.66 40.18
N ARG D 176 27.40 -25.58 41.50
CA ARG D 176 26.36 -26.31 42.23
C ARG D 176 25.10 -25.47 42.45
N GLU D 177 25.10 -24.58 43.45
CA GLU D 177 23.85 -24.04 43.98
C GLU D 177 23.23 -22.92 43.16
N LEU D 178 23.98 -22.40 42.18
CA LEU D 178 23.52 -21.26 41.37
C LEU D 178 22.40 -21.60 40.38
N ASP D 179 21.39 -20.74 40.34
CA ASP D 179 20.25 -20.90 39.45
C ASP D 179 20.67 -20.93 37.97
N ILE D 180 19.98 -21.74 37.17
CA ILE D 180 20.30 -21.89 35.75
C ILE D 180 20.02 -20.63 34.93
N ALA D 181 18.87 -20.00 35.18
CA ALA D 181 18.43 -18.86 34.38
C ALA D 181 19.35 -17.66 34.50
N ASP D 182 20.10 -17.60 35.59
CA ASP D 182 21.02 -16.50 35.83
C ASP D 182 22.43 -16.81 35.28
N VAL D 183 22.50 -17.29 34.05
CA VAL D 183 23.78 -17.54 33.41
C VAL D 183 23.92 -16.72 32.12
N PRO D 184 24.99 -15.93 32.02
CA PRO D 184 25.22 -15.10 30.84
C PRO D 184 24.94 -15.88 29.58
N GLY D 185 24.07 -15.35 28.73
CA GLY D 185 23.79 -15.99 27.45
C GLY D 185 22.70 -17.05 27.53
N ILE D 186 22.21 -17.29 28.73
CA ILE D 186 21.10 -18.20 28.93
C ILE D 186 19.85 -17.36 29.21
N GLY D 187 18.88 -17.41 28.28
CA GLY D 187 17.72 -16.53 28.36
C GLY D 187 16.39 -17.24 28.48
N ASN D 188 15.31 -16.52 28.22
CA ASN D 188 13.94 -17.04 28.38
C ASN D 188 13.65 -18.31 27.59
N ILE D 189 14.02 -18.33 26.31
CA ILE D 189 13.83 -19.53 25.48
C ILE D 189 14.62 -20.74 25.99
N THR D 190 15.84 -20.49 26.46
CA THR D 190 16.74 -21.55 26.93
C THR D 190 16.38 -22.04 28.34
N ALA D 191 16.23 -21.11 29.28
CA ALA D 191 15.94 -21.46 30.67
C ALA D 191 14.61 -22.18 30.84
N GLU D 192 13.68 -21.95 29.93
CA GLU D 192 12.38 -22.62 29.99
C GLU D 192 12.46 -24.04 29.47
N LYS D 193 13.34 -24.27 28.51
CA LYS D 193 13.58 -25.61 27.99
C LYS D 193 14.41 -26.46 28.98
N LEU D 194 15.24 -25.80 29.77
CA LEU D 194 16.11 -26.47 30.74
C LEU D 194 15.35 -26.94 31.98
N LYS D 195 14.29 -26.22 32.33
CA LYS D 195 13.38 -26.68 33.38
C LYS D 195 12.54 -27.84 32.86
N LYS D 196 12.34 -27.86 31.54
CA LYS D 196 11.56 -28.91 30.89
C LYS D 196 12.38 -30.20 30.66
N LEU D 197 13.62 -30.20 31.14
CA LEU D 197 14.46 -31.40 31.10
C LEU D 197 14.92 -31.78 32.50
N GLY D 198 14.65 -30.90 33.46
CA GLY D 198 14.95 -31.16 34.87
C GLY D 198 16.09 -30.33 35.42
N ILE D 199 16.86 -29.71 34.53
CA ILE D 199 18.05 -28.93 34.90
C ILE D 199 17.69 -27.59 35.54
N ASN D 200 17.86 -27.51 36.86
CA ASN D 200 17.49 -26.35 37.65
C ASN D 200 18.70 -25.54 38.14
N LYS D 201 19.82 -26.23 38.37
CA LYS D 201 21.06 -25.56 38.75
C LYS D 201 22.11 -25.92 37.70
N LEU D 202 23.34 -25.46 37.91
CA LEU D 202 24.37 -25.63 36.89
C LEU D 202 24.85 -27.08 36.72
N VAL D 203 25.25 -27.72 37.82
CA VAL D 203 25.82 -29.07 37.78
C VAL D 203 24.86 -30.13 37.24
N ASP D 204 23.56 -29.90 37.46
CA ASP D 204 22.53 -30.83 37.03
C ASP D 204 22.71 -31.23 35.56
N THR D 205 23.55 -30.48 34.85
CA THR D 205 23.86 -30.77 33.45
C THR D 205 24.69 -32.03 33.34
N LEU D 206 25.60 -32.23 34.30
CA LEU D 206 26.47 -33.40 34.32
C LEU D 206 25.70 -34.63 34.82
N SER D 207 24.51 -34.40 35.34
CA SER D 207 23.65 -35.46 35.86
C SER D 207 22.73 -36.00 34.77
N ILE D 208 22.98 -35.57 33.53
CA ILE D 208 22.18 -35.99 32.39
C ILE D 208 23.09 -36.15 31.17
N GLU D 209 22.91 -37.24 30.45
CA GLU D 209 23.77 -37.56 29.32
C GLU D 209 23.90 -36.45 28.28
N PHE D 210 25.04 -36.46 27.58
CA PHE D 210 25.44 -35.40 26.64
C PHE D 210 24.32 -35.00 25.67
N ASP D 211 23.58 -35.99 25.18
CA ASP D 211 22.60 -35.76 24.13
C ASP D 211 21.22 -35.42 24.64
N LYS D 212 20.86 -35.95 25.80
CA LYS D 212 19.58 -35.65 26.44
C LYS D 212 19.56 -34.17 26.86
N LEU D 213 20.03 -33.31 25.97
CA LEU D 213 20.21 -31.88 26.21
C LEU D 213 20.62 -31.20 24.90
N LYS D 214 21.69 -31.73 24.33
CA LYS D 214 22.29 -31.19 23.10
C LYS D 214 21.24 -30.93 22.02
N GLY D 215 20.23 -31.82 21.96
CA GLY D 215 19.22 -31.78 20.90
C GLY D 215 18.29 -30.57 20.88
N MET D 216 17.86 -30.11 22.05
CA MET D 216 16.83 -29.08 22.12
C MET D 216 17.35 -27.64 22.09
N ILE D 217 18.45 -27.39 22.80
CA ILE D 217 18.99 -26.04 22.93
C ILE D 217 20.12 -25.76 21.96
N GLY D 218 20.27 -26.63 20.96
CA GLY D 218 21.34 -26.49 19.97
C GLY D 218 22.66 -27.02 20.52
N GLU D 219 23.71 -26.95 19.68
CA GLU D 219 25.02 -27.49 20.06
C GLU D 219 25.84 -26.51 20.90
N ALA D 220 26.13 -25.34 20.34
CA ALA D 220 27.00 -24.37 20.99
C ALA D 220 26.59 -24.10 22.44
N LYS D 221 25.32 -23.77 22.66
CA LYS D 221 24.83 -23.47 24.01
C LYS D 221 25.00 -24.64 24.97
N ALA D 222 24.88 -25.86 24.45
CA ALA D 222 25.11 -27.05 25.25
C ALA D 222 26.57 -27.17 25.67
N LYS D 223 27.48 -27.10 24.70
CA LYS D 223 28.91 -27.16 24.97
C LYS D 223 29.33 -26.15 26.04
N TYR D 224 29.03 -24.88 25.74
CA TYR D 224 29.26 -23.77 26.65
C TYR D 224 28.86 -24.14 28.08
N LEU D 225 27.59 -24.44 28.25
CA LEU D 225 27.08 -24.77 29.57
C LEU D 225 27.95 -25.79 30.26
N ILE D 226 28.07 -26.96 29.63
CA ILE D 226 28.75 -28.10 30.25
C ILE D 226 30.25 -27.84 30.43
N SER D 227 30.80 -26.95 29.64
CA SER D 227 32.19 -26.53 29.83
C SER D 227 32.33 -25.83 31.18
N LEU D 228 31.45 -24.86 31.45
CA LEU D 228 31.39 -24.20 32.74
C LEU D 228 31.17 -25.26 33.82
N ALA D 229 30.31 -26.21 33.50
CA ALA D 229 29.94 -27.26 34.43
C ALA D 229 31.12 -28.17 34.78
N ARG D 230 32.09 -28.23 33.86
CA ARG D 230 33.32 -28.97 34.11
C ARG D 230 34.38 -28.06 34.73
N ASP D 231 34.20 -26.75 34.55
CA ASP D 231 35.12 -25.72 35.03
C ASP D 231 36.27 -25.46 34.05
N GLU D 232 36.49 -26.42 33.14
CA GLU D 232 37.53 -26.30 32.12
C GLU D 232 37.14 -25.31 31.00
N TYR D 233 36.76 -24.10 31.38
CA TYR D 233 36.29 -23.09 30.43
C TYR D 233 37.25 -21.89 30.37
N ASN D 234 38.24 -21.99 29.50
CA ASN D 234 39.20 -20.90 29.27
C ASN D 234 38.75 -19.97 28.15
N GLU D 235 38.76 -18.67 28.40
CA GLU D 235 38.32 -17.71 27.39
C GLU D 235 39.19 -16.48 27.27
N PRO D 236 39.87 -16.35 26.12
CA PRO D 236 40.67 -15.17 25.78
C PRO D 236 39.82 -13.92 25.63
N ILE D 237 40.20 -12.88 26.37
CA ILE D 237 39.60 -11.56 26.25
C ILE D 237 40.11 -10.91 24.96
N ARG D 238 39.25 -10.82 23.94
CA ARG D 238 39.70 -10.32 22.65
C ARG D 238 39.19 -8.92 22.30
N THR D 239 40.02 -8.16 21.60
CA THR D 239 39.63 -6.86 21.12
C THR D 239 38.40 -7.03 20.22
N ARG D 240 37.32 -6.32 20.54
CA ARG D 240 36.08 -6.40 19.76
C ARG D 240 36.07 -5.44 18.58
N VAL D 241 35.86 -5.98 17.39
CA VAL D 241 35.71 -5.15 16.18
C VAL D 241 34.26 -5.16 15.74
N ARG D 242 33.69 -3.97 15.60
CA ARG D 242 32.34 -3.83 15.07
C ARG D 242 32.28 -4.60 13.75
N LYS D 243 31.35 -5.54 13.66
CA LYS D 243 31.25 -6.44 12.50
C LYS D 243 30.15 -5.99 11.52
N SER D 244 29.38 -4.99 11.93
CA SER D 244 28.31 -4.39 11.10
C SER D 244 27.66 -3.18 11.77
N ILE D 245 27.13 -2.29 10.94
CA ILE D 245 26.46 -1.05 11.39
C ILE D 245 25.09 -1.00 10.71
N GLY D 246 24.09 -0.45 11.39
CA GLY D 246 22.76 -0.34 10.81
C GLY D 246 21.77 0.61 11.49
N ARG D 247 20.52 0.54 11.09
CA ARG D 247 19.48 1.43 11.62
C ARG D 247 18.08 1.06 11.10
N ILE D 248 17.09 1.12 11.98
CA ILE D 248 15.68 0.87 11.62
C ILE D 248 14.80 2.02 12.18
N VAL D 249 13.86 2.50 11.36
CA VAL D 249 13.00 3.64 11.76
C VAL D 249 11.50 3.27 11.84
N THR D 250 10.74 4.01 12.63
CA THR D 250 9.30 3.76 12.76
C THR D 250 8.47 4.73 11.94
N MET D 251 7.65 4.18 11.05
CA MET D 251 6.77 4.97 10.19
C MET D 251 5.61 5.63 10.95
N LYS D 252 5.07 6.70 10.39
CA LYS D 252 3.96 7.40 11.01
C LYS D 252 2.73 6.55 10.92
N ARG D 253 2.61 5.85 9.80
CA ARG D 253 1.46 5.00 9.54
C ARG D 253 1.95 3.63 9.06
N ASN D 254 1.18 2.60 9.36
CA ASN D 254 1.47 1.25 8.91
C ASN D 254 1.22 1.20 7.41
N SER D 255 2.15 0.64 6.64
CA SER D 255 2.06 0.78 5.18
C SER D 255 2.63 -0.36 4.33
N ARG D 256 2.39 -0.25 3.02
CA ARG D 256 2.85 -1.20 2.01
C ARG D 256 3.18 -0.47 0.71
N ASN D 257 3.04 0.85 0.74
CA ASN D 257 3.23 1.70 -0.44
C ASN D 257 4.68 1.70 -0.97
N LEU D 258 4.81 1.33 -2.24
CA LEU D 258 6.10 1.16 -2.91
C LEU D 258 7.04 2.36 -2.76
N GLU D 259 6.47 3.55 -2.70
CA GLU D 259 7.26 4.79 -2.66
C GLU D 259 7.19 5.54 -1.32
N GLU D 260 6.14 5.30 -0.54
CA GLU D 260 5.96 6.00 0.74
C GLU D 260 6.93 5.49 1.82
N ILE D 261 7.52 4.33 1.57
CA ILE D 261 8.49 3.74 2.49
C ILE D 261 9.91 4.16 2.10
N LYS D 262 10.12 4.42 0.81
CA LYS D 262 11.43 4.84 0.32
C LYS D 262 12.10 5.87 1.22
N PRO D 263 11.42 7.01 1.47
CA PRO D 263 12.01 8.08 2.28
C PRO D 263 12.46 7.61 3.66
N TYR D 264 11.67 6.73 4.27
CA TYR D 264 12.04 6.15 5.57
C TYR D 264 13.29 5.29 5.41
N LEU D 265 13.31 4.45 4.38
CA LEU D 265 14.45 3.57 4.11
C LEU D 265 15.73 4.36 3.85
N PHE D 266 15.59 5.48 3.15
CA PHE D 266 16.73 6.33 2.84
C PHE D 266 17.35 6.94 4.10
N ARG D 267 16.51 7.35 5.05
CA ARG D 267 17.00 7.81 6.35
C ARG D 267 17.94 6.77 6.92
N ALA D 268 17.45 5.54 7.00
CA ALA D 268 18.27 4.44 7.52
C ALA D 268 19.62 4.42 6.86
N ILE D 269 19.66 4.55 5.54
CA ILE D 269 20.92 4.59 4.80
C ILE D 269 21.77 5.78 5.25
N GLU D 270 21.14 6.96 5.28
CA GLU D 270 21.83 8.20 5.66
C GLU D 270 22.40 8.16 7.06
N GLU D 271 21.59 7.74 8.03
CA GLU D 271 22.09 7.58 9.38
C GLU D 271 23.15 6.47 9.42
N SER D 272 22.92 5.37 8.70
CA SER D 272 23.86 4.25 8.67
C SER D 272 25.20 4.68 8.14
N TYR D 273 25.20 5.44 7.07
CA TYR D 273 26.43 5.89 6.46
C TYR D 273 27.11 6.93 7.31
N TYR D 274 26.32 7.71 8.03
CA TYR D 274 26.88 8.67 8.96
C TYR D 274 27.68 7.98 10.06
N LYS D 275 27.16 6.85 10.52
CA LYS D 275 27.77 6.07 11.61
C LYS D 275 28.97 5.28 11.12
N LEU D 276 29.07 5.06 9.81
CA LEU D 276 30.16 4.29 9.23
C LEU D 276 31.45 5.08 9.24
N ASP D 277 31.44 6.20 8.51
CA ASP D 277 32.53 7.17 8.48
C ASP D 277 33.90 6.51 8.34
N LYS D 278 34.50 6.63 7.17
CA LYS D 278 35.80 6.03 6.89
C LYS D 278 35.67 4.52 6.62
N ARG D 279 34.94 3.81 7.47
CA ARG D 279 34.71 2.38 7.30
C ARG D 279 33.94 2.08 6.02
N ILE D 280 34.50 1.21 5.18
CA ILE D 280 33.89 0.87 3.90
C ILE D 280 33.32 -0.54 3.94
N PRO D 281 32.00 -0.66 3.78
CA PRO D 281 31.29 -1.95 3.77
C PRO D 281 31.35 -2.68 2.43
N LYS D 282 31.44 -4.02 2.47
CA LYS D 282 31.40 -4.81 1.23
C LYS D 282 30.06 -5.53 1.02
N ALA D 283 29.31 -5.69 2.10
CA ALA D 283 28.01 -6.37 2.09
C ALA D 283 26.87 -5.49 2.65
N ILE D 284 25.65 -5.68 2.14
CA ILE D 284 24.49 -4.87 2.54
C ILE D 284 23.20 -5.69 2.64
N HIS D 285 22.39 -5.42 3.68
CA HIS D 285 21.09 -6.07 3.84
C HIS D 285 19.98 -5.04 4.14
N VAL D 286 18.75 -5.35 3.75
CA VAL D 286 17.61 -4.45 4.01
C VAL D 286 16.55 -5.11 4.89
N VAL D 287 16.56 -4.75 6.18
CA VAL D 287 15.71 -5.40 7.19
C VAL D 287 14.31 -4.79 7.33
N ALA D 288 13.30 -5.66 7.38
CA ALA D 288 11.90 -5.24 7.53
C ALA D 288 11.20 -5.84 8.76
N VAL D 289 10.59 -4.98 9.56
CA VAL D 289 9.81 -5.42 10.73
C VAL D 289 8.30 -5.22 10.52
N THR D 290 7.56 -6.33 10.53
CA THR D 290 6.13 -6.31 10.18
C THR D 290 5.17 -6.30 11.38
N GLU D 291 3.87 -6.25 11.09
CA GLU D 291 2.81 -6.28 12.09
C GLU D 291 2.96 -7.51 13.01
N ASP D 292 3.36 -8.63 12.42
CA ASP D 292 3.53 -9.89 13.15
C ASP D 292 4.99 -10.11 13.59
N LEU D 293 5.77 -9.03 13.62
CA LEU D 293 7.15 -9.01 14.13
C LEU D 293 8.11 -9.96 13.39
N ASP D 294 7.85 -10.20 12.11
CA ASP D 294 8.70 -11.07 11.31
C ASP D 294 9.89 -10.29 10.72
N ILE D 295 11.07 -10.87 10.79
CA ILE D 295 12.29 -10.22 10.31
C ILE D 295 12.83 -10.92 9.05
N VAL D 296 12.69 -10.25 7.91
CA VAL D 296 13.14 -10.79 6.62
C VAL D 296 13.92 -9.74 5.78
N SER D 297 15.19 -10.05 5.51
CA SER D 297 16.10 -9.12 4.84
C SER D 297 16.95 -9.77 3.73
N ARG D 298 17.22 -9.01 2.66
CA ARG D 298 18.05 -9.49 1.54
C ARG D 298 19.22 -8.55 1.25
N GLY D 299 20.07 -8.94 0.30
CA GLY D 299 21.21 -8.12 -0.13
C GLY D 299 22.29 -8.90 -0.85
N ARG D 300 23.32 -8.18 -1.33
CA ARG D 300 24.43 -8.79 -2.07
C ARG D 300 25.78 -8.41 -1.48
N THR D 301 26.80 -9.22 -1.74
CA THR D 301 28.14 -8.95 -1.24
C THR D 301 29.11 -8.70 -2.39
N PHE D 302 29.18 -7.44 -2.81
CA PHE D 302 30.08 -7.00 -3.89
C PHE D 302 31.54 -7.37 -3.61
N PRO D 303 32.37 -7.46 -4.66
CA PRO D 303 33.77 -7.81 -4.46
C PRO D 303 34.62 -6.61 -4.04
N HIS D 304 33.97 -5.46 -3.86
CA HIS D 304 34.64 -4.20 -3.51
C HIS D 304 33.79 -3.39 -2.52
N GLY D 305 34.06 -2.08 -2.44
CA GLY D 305 33.34 -1.22 -1.50
C GLY D 305 32.00 -0.74 -2.04
N ILE D 306 31.10 -0.35 -1.13
CA ILE D 306 29.81 0.19 -1.54
C ILE D 306 29.75 1.66 -1.18
N SER D 307 29.38 2.48 -2.16
CA SER D 307 29.26 3.91 -1.94
C SER D 307 27.79 4.26 -1.72
N LYS D 308 27.55 5.38 -1.03
CA LYS D 308 26.20 5.78 -0.65
C LYS D 308 25.25 5.69 -1.84
N GLU D 309 25.73 6.05 -3.01
CA GLU D 309 24.97 5.94 -4.25
C GLU D 309 24.57 4.48 -4.52
N THR D 310 25.55 3.57 -4.52
CA THR D 310 25.31 2.15 -4.77
C THR D 310 24.44 1.54 -3.67
N ALA D 311 24.59 2.07 -2.45
CA ALA D 311 23.74 1.69 -1.34
C ALA D 311 22.30 2.05 -1.67
N TYR D 312 22.09 3.32 -2.05
CA TYR D 312 20.79 3.80 -2.53
C TYR D 312 20.28 2.92 -3.67
N SER D 313 21.18 2.53 -4.56
CA SER D 313 20.84 1.77 -5.77
C SER D 313 20.47 0.32 -5.49
N GLU D 314 21.24 -0.33 -4.62
CA GLU D 314 20.99 -1.72 -4.30
C GLU D 314 19.80 -1.83 -3.35
N SER D 315 19.70 -0.88 -2.42
CA SER D 315 18.59 -0.84 -1.48
C SER D 315 17.27 -0.66 -2.22
N VAL D 316 17.35 -0.14 -3.44
CA VAL D 316 16.20 -0.08 -4.32
C VAL D 316 15.82 -1.50 -4.74
N LYS D 317 16.80 -2.23 -5.28
CA LYS D 317 16.56 -3.58 -5.78
C LYS D 317 16.29 -4.60 -4.66
N LEU D 318 16.04 -4.09 -3.46
CA LEU D 318 15.77 -4.94 -2.31
C LEU D 318 14.50 -4.53 -1.57
N LEU D 319 13.72 -3.64 -2.15
CA LEU D 319 12.44 -3.26 -1.56
C LEU D 319 11.26 -3.67 -2.44
N GLN D 320 11.56 -4.44 -3.49
CA GLN D 320 10.51 -5.14 -4.23
C GLN D 320 10.95 -6.56 -4.61
N LYS D 321 12.18 -6.91 -4.22
CA LYS D 321 12.62 -8.29 -4.17
C LYS D 321 12.01 -8.91 -2.92
N ILE D 322 11.74 -8.04 -1.94
CA ILE D 322 11.11 -8.46 -0.69
C ILE D 322 9.61 -8.13 -0.72
N LEU D 323 9.26 -6.97 -1.27
CA LEU D 323 7.86 -6.53 -1.34
C LEU D 323 6.97 -7.39 -2.24
N GLU D 324 7.56 -8.04 -3.24
CA GLU D 324 6.83 -8.99 -4.05
C GLU D 324 6.65 -10.30 -3.29
N GLU D 325 7.72 -10.73 -2.62
CA GLU D 325 7.71 -11.99 -1.88
C GLU D 325 7.07 -11.84 -0.50
N ASP D 326 5.95 -11.11 -0.46
CA ASP D 326 5.15 -10.96 0.74
C ASP D 326 4.09 -9.87 0.57
N GLU D 327 2.93 -10.08 1.17
CA GLU D 327 1.85 -9.09 1.16
C GLU D 327 1.53 -8.58 2.56
N ARG D 328 2.41 -8.85 3.51
CA ARG D 328 2.19 -8.45 4.91
C ARG D 328 2.22 -6.93 5.07
N LYS D 329 1.91 -6.46 6.29
CA LYS D 329 1.87 -5.02 6.60
C LYS D 329 3.12 -4.61 7.39
N ILE D 330 3.75 -3.51 6.97
CA ILE D 330 5.01 -3.07 7.59
C ILE D 330 4.83 -1.88 8.54
N ARG D 331 5.62 -1.87 9.60
CA ARG D 331 5.52 -0.85 10.66
C ARG D 331 6.88 -0.23 11.01
N ARG D 332 7.96 -0.99 10.79
CA ARG D 332 9.32 -0.51 11.00
C ARG D 332 10.25 -0.98 9.86
N ILE D 333 11.25 -0.17 9.53
CA ILE D 333 12.14 -0.45 8.38
C ILE D 333 13.58 0.05 8.56
N GLY D 334 14.54 -0.65 7.96
CA GLY D 334 15.95 -0.27 8.09
C GLY D 334 16.92 -0.99 7.19
N VAL D 335 18.21 -0.88 7.52
CA VAL D 335 19.29 -1.46 6.72
C VAL D 335 20.46 -1.87 7.61
N ARG D 336 21.41 -2.65 7.06
CA ARG D 336 22.56 -3.14 7.84
C ARG D 336 23.76 -3.48 6.95
N PHE D 337 24.89 -2.83 7.21
CA PHE D 337 26.06 -2.94 6.35
C PHE D 337 27.16 -3.76 6.99
N SER D 338 27.55 -4.84 6.30
CA SER D 338 28.48 -5.82 6.86
C SER D 338 29.73 -6.03 5.99
N LYS D 339 30.67 -6.81 6.54
CA LYS D 339 31.97 -7.07 5.91
C LYS D 339 32.68 -5.79 5.50
N PHE D 340 33.63 -5.36 6.32
CA PHE D 340 34.33 -4.11 6.08
C PHE D 340 35.69 -4.30 5.40
N ILE D 341 36.56 -3.31 5.54
CA ILE D 341 37.87 -3.30 4.89
C ILE D 341 38.98 -2.88 5.85
#